data_1OTJ
#
_entry.id   1OTJ
#
_cell.length_a   95.848
_cell.length_b   117.845
_cell.length_c   118.262
_cell.angle_alpha   90.00
_cell.angle_beta   90.00
_cell.angle_gamma   90.00
#
_symmetry.space_group_name_H-M   'P 21 21 21'
#
loop_
_entity.id
_entity.type
_entity.pdbx_description
1 polymer 'Alpha-Ketoglutarate-Dependent Taurine Dioxygenase'
2 non-polymer 'CHLORIDE ION'
3 non-polymer '2-AMINOETHANESULFONIC ACID'
4 water water
#
_entity_poly.entity_id   1
_entity_poly.type   'polypeptide(L)'
_entity_poly.pdbx_seq_one_letter_code
;MSERLSITPLGPYIGAQISGADLTRPLSDNQFEQLYHAVLRHQVVFLRDQAITPQQQRALAQRFGELHIHPVYPHAEGVD
EIIVLDTHNDNPPDNDNWHTDVTFIETPPAGAILAAKELPSTGGDTLWTSGIAAYEALSVPFRQLLSGLRAEHDFRKSFP
EYKYRKTEEEHQRWREAVAKNPPLLHPVVRTHPVSGKQALFVNEGFTTRIVDVSEKESEALLSFLFAHITKPEFQVRWRW
QPNDIAIWDNRVTQHYANADYLPQRRIMHRATILGDKPFYRAG
;
_entity_poly.pdbx_strand_id   A,B,C,D
#
loop_
_chem_comp.id
_chem_comp.type
_chem_comp.name
_chem_comp.formula
CL non-polymer 'CHLORIDE ION' 'Cl -1'
TAU non-polymer '2-AMINOETHANESULFONIC ACID' 'C2 H7 N O3 S'
#
# COMPACT_ATOMS: atom_id res chain seq x y z
N SER A 2 -17.67 50.89 0.98
CA SER A 2 -17.59 49.47 1.40
C SER A 2 -18.97 48.94 1.76
N GLU A 3 -19.60 48.21 0.85
CA GLU A 3 -20.92 47.66 1.12
C GLU A 3 -20.84 46.23 1.61
N ARG A 4 -21.09 45.28 0.72
CA ARG A 4 -21.06 43.87 1.07
C ARG A 4 -20.62 43.05 -0.13
N LEU A 5 -19.56 42.27 0.06
CA LEU A 5 -19.04 41.43 -1.00
C LEU A 5 -20.03 40.32 -1.29
N SER A 6 -20.04 39.85 -2.53
CA SER A 6 -20.92 38.77 -2.90
C SER A 6 -20.12 37.49 -2.72
N ILE A 7 -20.45 36.74 -1.66
CA ILE A 7 -19.75 35.49 -1.34
C ILE A 7 -20.60 34.30 -1.75
N THR A 8 -20.15 33.57 -2.76
CA THR A 8 -20.87 32.38 -3.22
C THR A 8 -20.05 31.13 -2.96
N PRO A 9 -20.45 30.35 -1.94
CA PRO A 9 -19.73 29.11 -1.61
C PRO A 9 -19.70 28.20 -2.83
N LEU A 10 -18.57 27.54 -3.06
CA LEU A 10 -18.45 26.64 -4.19
C LEU A 10 -18.68 25.20 -3.73
N GLY A 11 -18.84 25.04 -2.42
CA GLY A 11 -19.07 23.72 -1.86
C GLY A 11 -19.41 23.81 -0.39
N PRO A 12 -19.81 22.69 0.24
CA PRO A 12 -20.18 22.62 1.66
C PRO A 12 -18.99 22.82 2.62
N TYR A 13 -17.82 22.36 2.21
CA TYR A 13 -16.66 22.44 3.10
C TYR A 13 -15.52 23.37 2.72
N ILE A 14 -15.40 23.73 1.45
CA ILE A 14 -14.31 24.59 1.05
C ILE A 14 -14.51 25.29 -0.29
N GLY A 15 -14.02 26.52 -0.37
CA GLY A 15 -14.14 27.27 -1.61
C GLY A 15 -15.33 28.21 -1.69
N ALA A 16 -15.10 29.35 -2.33
CA ALA A 16 -16.13 30.35 -2.51
C ALA A 16 -15.65 31.42 -3.49
N GLN A 17 -16.57 31.93 -4.31
CA GLN A 17 -16.23 32.98 -5.26
C GLN A 17 -16.64 34.30 -4.64
N ILE A 18 -15.80 35.31 -4.77
CA ILE A 18 -16.09 36.62 -4.20
C ILE A 18 -16.17 37.67 -5.30
N SER A 19 -17.22 38.48 -5.23
CA SER A 19 -17.46 39.53 -6.20
C SER A 19 -17.74 40.82 -5.44
N GLY A 20 -17.44 41.96 -6.05
CA GLY A 20 -17.69 43.22 -5.39
C GLY A 20 -16.50 43.82 -4.67
N ALA A 21 -15.30 43.34 -4.99
CA ALA A 21 -14.10 43.85 -4.36
C ALA A 21 -13.04 44.18 -5.40
N ASP A 22 -12.74 45.48 -5.53
CA ASP A 22 -11.73 45.91 -6.50
C ASP A 22 -10.38 45.84 -5.81
N LEU A 23 -9.59 44.85 -6.21
CA LEU A 23 -8.27 44.64 -5.64
C LEU A 23 -7.16 45.51 -6.23
N THR A 24 -7.46 46.24 -7.30
CA THR A 24 -6.44 47.11 -7.89
C THR A 24 -6.33 48.35 -7.01
N ARG A 25 -7.41 48.66 -6.31
CA ARG A 25 -7.42 49.80 -5.42
C ARG A 25 -7.55 49.34 -3.98
N PRO A 26 -6.94 50.07 -3.03
CA PRO A 26 -7.02 49.69 -1.61
C PRO A 26 -8.44 49.42 -1.16
N LEU A 27 -8.63 48.34 -0.41
CA LEU A 27 -9.95 48.00 0.10
C LEU A 27 -10.21 48.76 1.38
N SER A 28 -11.45 49.12 1.61
CA SER A 28 -11.82 49.82 2.84
C SER A 28 -11.53 48.86 3.97
N ASP A 29 -11.91 49.23 5.19
CA ASP A 29 -11.69 48.36 6.33
C ASP A 29 -12.83 47.37 6.41
N ASN A 30 -14.03 47.83 6.10
CA ASN A 30 -15.21 46.96 6.13
C ASN A 30 -15.09 45.84 5.11
N GLN A 31 -14.45 46.14 3.98
CA GLN A 31 -14.28 45.14 2.92
C GLN A 31 -13.16 44.17 3.22
N PHE A 32 -12.00 44.70 3.60
CA PHE A 32 -10.87 43.85 3.90
C PHE A 32 -11.21 42.89 5.03
N GLU A 33 -12.11 43.32 5.90
CA GLU A 33 -12.51 42.48 7.02
C GLU A 33 -13.32 41.28 6.57
N GLN A 34 -14.31 41.47 5.70
CA GLN A 34 -15.10 40.35 5.26
C GLN A 34 -14.37 39.48 4.24
N LEU A 35 -13.33 40.03 3.63
CA LEU A 35 -12.53 39.26 2.67
C LEU A 35 -11.73 38.32 3.56
N TYR A 36 -11.18 38.89 4.63
CA TYR A 36 -10.40 38.15 5.61
C TYR A 36 -11.23 37.01 6.20
N HIS A 37 -12.44 37.33 6.63
CA HIS A 37 -13.32 36.35 7.23
C HIS A 37 -13.85 35.31 6.25
N ALA A 38 -13.96 35.67 4.98
CA ALA A 38 -14.43 34.74 3.98
C ALA A 38 -13.32 33.70 3.73
N VAL A 39 -12.08 34.16 3.82
CA VAL A 39 -10.92 33.29 3.62
C VAL A 39 -10.84 32.30 4.77
N LEU A 40 -11.02 32.79 6.00
CA LEU A 40 -10.96 31.92 7.16
C LEU A 40 -12.10 30.92 7.09
N ARG A 41 -13.28 31.42 6.74
CA ARG A 41 -14.46 30.58 6.65
C ARG A 41 -14.42 29.57 5.51
N HIS A 42 -14.08 30.04 4.31
CA HIS A 42 -14.05 29.15 3.16
C HIS A 42 -12.69 28.55 2.80
N GLN A 43 -11.67 28.86 3.58
CA GLN A 43 -10.33 28.32 3.36
C GLN A 43 -9.65 28.76 2.08
N VAL A 44 -10.41 28.95 1.01
CA VAL A 44 -9.86 29.45 -0.23
C VAL A 44 -10.95 30.20 -0.98
N VAL A 45 -10.63 31.42 -1.42
CA VAL A 45 -11.60 32.23 -2.13
C VAL A 45 -11.06 32.62 -3.49
N PHE A 46 -11.96 32.79 -4.45
CA PHE A 46 -11.58 33.17 -5.80
C PHE A 46 -12.27 34.45 -6.24
N LEU A 47 -11.49 35.35 -6.82
CA LEU A 47 -11.99 36.62 -7.33
C LEU A 47 -11.51 36.75 -8.76
N ARG A 48 -12.43 36.92 -9.70
CA ARG A 48 -12.05 37.05 -11.10
C ARG A 48 -12.05 38.51 -11.53
N ASP A 49 -11.43 38.76 -12.68
CA ASP A 49 -11.34 40.09 -13.26
C ASP A 49 -10.65 41.08 -12.34
N GLN A 50 -9.49 40.69 -11.83
CA GLN A 50 -8.72 41.54 -10.94
C GLN A 50 -7.32 41.76 -11.53
N ALA A 51 -7.23 42.62 -12.54
CA ALA A 51 -5.97 42.91 -13.19
C ALA A 51 -5.08 43.75 -12.29
N ILE A 52 -4.47 43.11 -11.31
CA ILE A 52 -3.60 43.81 -10.38
C ILE A 52 -2.13 43.68 -10.78
N THR A 53 -1.29 44.56 -10.25
CA THR A 53 0.13 44.54 -10.54
C THR A 53 0.85 43.96 -9.34
N PRO A 54 2.11 43.54 -9.52
CA PRO A 54 2.84 42.98 -8.37
C PRO A 54 2.79 43.95 -7.20
N GLN A 55 2.80 45.25 -7.54
CA GLN A 55 2.76 46.30 -6.55
C GLN A 55 1.57 46.17 -5.62
N GLN A 56 0.38 46.30 -6.20
CA GLN A 56 -0.85 46.21 -5.44
C GLN A 56 -1.07 44.82 -4.83
N GLN A 57 -0.56 43.78 -5.48
CA GLN A 57 -0.70 42.44 -4.94
C GLN A 57 0.07 42.37 -3.63
N ARG A 58 1.32 42.84 -3.64
CA ARG A 58 2.14 42.83 -2.43
C ARG A 58 1.45 43.66 -1.36
N ALA A 59 0.83 44.76 -1.79
CA ALA A 59 0.13 45.66 -0.88
C ALA A 59 -1.03 44.95 -0.20
N LEU A 60 -1.86 44.26 -0.98
CA LEU A 60 -3.01 43.54 -0.45
C LEU A 60 -2.57 42.48 0.56
N ALA A 61 -1.52 41.72 0.21
CA ALA A 61 -1.01 40.68 1.09
C ALA A 61 -0.46 41.31 2.36
N GLN A 62 0.26 42.42 2.19
CA GLN A 62 0.85 43.16 3.31
C GLN A 62 -0.16 43.41 4.42
N ARG A 63 -1.41 43.59 4.06
CA ARG A 63 -2.46 43.87 5.04
C ARG A 63 -2.79 42.67 5.91
N PHE A 64 -2.45 41.47 5.44
CA PHE A 64 -2.72 40.28 6.23
C PHE A 64 -1.54 40.05 7.17
N GLY A 65 -0.39 40.62 6.84
CA GLY A 65 0.79 40.47 7.68
C GLY A 65 2.09 40.54 6.91
N GLU A 66 3.19 40.17 7.56
N GLU A 66 3.18 40.16 7.56
CA GLU A 66 4.50 40.18 6.92
CA GLU A 66 4.50 40.16 6.93
C GLU A 66 4.56 39.14 5.80
C GLU A 66 4.58 39.14 5.81
N LEU A 67 5.33 39.46 4.77
CA LEU A 67 5.47 38.55 3.63
C LEU A 67 6.77 37.76 3.63
N HIS A 68 6.67 36.51 3.22
CA HIS A 68 7.81 35.59 3.16
C HIS A 68 8.50 35.72 1.81
N ILE A 69 9.81 35.63 1.81
CA ILE A 69 10.55 35.70 0.55
C ILE A 69 11.03 34.28 0.29
N HIS A 70 10.58 33.68 -0.81
CA HIS A 70 10.98 32.32 -1.14
C HIS A 70 12.48 32.21 -1.40
N PRO A 71 13.10 31.13 -0.88
CA PRO A 71 14.54 30.87 -1.03
C PRO A 71 15.01 30.46 -2.43
N VAL A 72 14.09 30.00 -3.29
CA VAL A 72 14.50 29.58 -4.62
C VAL A 72 13.72 30.15 -5.79
N TYR A 73 12.42 30.35 -5.62
CA TYR A 73 11.62 30.89 -6.72
C TYR A 73 12.00 32.30 -7.12
N PRO A 74 11.88 32.63 -8.41
CA PRO A 74 12.21 33.96 -8.94
C PRO A 74 11.15 34.95 -8.46
N HIS A 75 11.53 36.22 -8.34
CA HIS A 75 10.57 37.22 -7.91
C HIS A 75 10.36 38.23 -9.02
N ALA A 76 9.27 38.99 -8.95
CA ALA A 76 8.96 40.00 -9.95
C ALA A 76 9.95 41.15 -9.83
N GLU A 77 10.19 41.84 -10.94
CA GLU A 77 11.11 42.97 -10.95
C GLU A 77 10.69 44.05 -9.96
N GLY A 78 11.61 44.45 -9.09
CA GLY A 78 11.33 45.50 -8.13
C GLY A 78 10.47 45.10 -6.94
N VAL A 79 9.88 43.90 -6.98
CA VAL A 79 9.03 43.45 -5.89
C VAL A 79 9.48 42.05 -5.45
N ASP A 80 10.52 42.03 -4.63
CA ASP A 80 11.12 40.80 -4.13
C ASP A 80 10.20 39.80 -3.45
N GLU A 81 9.08 40.27 -2.89
CA GLU A 81 8.15 39.37 -2.19
C GLU A 81 7.20 38.61 -3.11
N ILE A 82 7.03 39.10 -4.33
CA ILE A 82 6.15 38.44 -5.29
C ILE A 82 6.93 37.46 -6.16
N ILE A 83 6.77 36.16 -5.92
CA ILE A 83 7.47 35.19 -6.73
C ILE A 83 6.76 35.03 -8.06
N VAL A 84 7.53 34.75 -9.10
CA VAL A 84 6.97 34.56 -10.43
C VAL A 84 7.03 33.08 -10.77
N LEU A 85 5.88 32.51 -11.07
CA LEU A 85 5.83 31.09 -11.44
C LEU A 85 5.60 31.06 -12.95
N ASP A 86 6.71 31.15 -13.67
CA ASP A 86 6.72 31.17 -15.12
C ASP A 86 7.10 29.78 -15.62
N THR A 87 6.10 28.98 -15.96
CA THR A 87 6.36 27.62 -16.41
C THR A 87 6.20 27.44 -17.92
N HIS A 88 7.02 26.54 -18.44
CA HIS A 88 7.05 26.24 -19.86
C HIS A 88 8.06 25.13 -20.06
N ASN A 89 8.37 24.80 -21.32
CA ASN A 89 9.32 23.73 -21.62
C ASN A 89 10.66 23.85 -20.89
N ASP A 90 11.19 25.07 -20.79
CA ASP A 90 12.48 25.25 -20.12
C ASP A 90 12.37 25.42 -18.62
N ASN A 91 11.15 25.31 -18.10
CA ASN A 91 10.91 25.42 -16.67
C ASN A 91 9.59 24.71 -16.39
N PRO A 92 9.60 23.38 -16.44
CA PRO A 92 8.40 22.56 -16.21
C PRO A 92 7.80 22.80 -14.83
N PRO A 93 6.47 22.77 -14.74
CA PRO A 93 5.74 22.99 -13.48
C PRO A 93 6.23 21.99 -12.43
N ASP A 94 6.33 22.40 -11.19
CA ASP A 94 6.80 21.51 -10.13
C ASP A 94 5.81 21.53 -8.96
N ASN A 95 4.57 21.92 -9.25
CA ASN A 95 3.54 22.00 -8.23
C ASN A 95 2.38 21.02 -8.41
N ASP A 96 2.59 20.01 -9.24
CA ASP A 96 1.58 18.99 -9.46
C ASP A 96 1.77 17.88 -8.43
N ASN A 97 1.60 18.27 -7.16
CA ASN A 97 1.72 17.36 -6.03
C ASN A 97 1.01 18.07 -4.90
N TRP A 98 0.42 17.31 -3.98
CA TRP A 98 -0.28 17.92 -2.87
C TRP A 98 0.68 18.50 -1.86
N HIS A 99 0.57 19.82 -1.67
CA HIS A 99 1.44 20.48 -0.74
C HIS A 99 0.79 21.66 -0.05
N THR A 100 1.39 22.04 1.06
CA THR A 100 0.97 23.20 1.81
C THR A 100 2.21 24.05 1.64
N ASP A 101 2.02 25.32 1.32
CA ASP A 101 3.15 26.21 1.08
C ASP A 101 4.17 26.38 2.20
N VAL A 102 5.43 26.22 1.83
CA VAL A 102 6.53 26.43 2.75
C VAL A 102 6.29 25.95 4.18
N THR A 103 6.07 24.65 4.38
CA THR A 103 5.88 24.16 5.73
C THR A 103 7.25 23.77 6.27
N PHE A 104 8.28 24.00 5.46
CA PHE A 104 9.65 23.69 5.84
C PHE A 104 10.31 24.76 6.72
N ILE A 105 9.55 25.78 7.10
CA ILE A 105 10.07 26.81 8.00
C ILE A 105 9.31 26.68 9.31
N GLU A 106 9.82 27.30 10.37
CA GLU A 106 9.20 27.22 11.68
C GLU A 106 7.83 27.90 11.76
N THR A 107 7.62 28.92 10.94
CA THR A 107 6.35 29.64 10.94
C THR A 107 5.81 29.67 9.52
N PRO A 108 5.27 28.54 9.05
CA PRO A 108 4.72 28.45 7.70
C PRO A 108 3.76 29.59 7.38
N PRO A 109 3.64 29.94 6.10
CA PRO A 109 2.74 31.02 5.70
C PRO A 109 1.32 30.75 6.18
N ALA A 110 0.67 31.79 6.69
CA ALA A 110 -0.70 31.69 7.17
C ALA A 110 -1.60 31.67 5.95
N GLY A 111 -1.12 32.29 4.87
CA GLY A 111 -1.90 32.34 3.65
C GLY A 111 -1.10 32.80 2.45
N ALA A 112 -1.78 32.93 1.32
CA ALA A 112 -1.13 33.37 0.11
C ALA A 112 -2.16 33.92 -0.85
N ILE A 113 -1.69 34.79 -1.74
CA ILE A 113 -2.55 35.38 -2.76
C ILE A 113 -1.92 35.02 -4.09
N LEU A 114 -2.70 34.37 -4.96
CA LEU A 114 -2.18 33.96 -6.26
C LEU A 114 -2.91 34.73 -7.35
N ALA A 115 -2.13 35.27 -8.29
CA ALA A 115 -2.68 36.03 -9.39
C ALA A 115 -2.33 35.36 -10.71
N ALA A 116 -3.33 35.14 -11.56
CA ALA A 116 -3.13 34.52 -12.85
C ALA A 116 -2.81 35.61 -13.87
N LYS A 117 -1.54 35.67 -14.27
CA LYS A 117 -1.10 36.67 -15.24
C LYS A 117 -1.28 36.21 -16.67
N GLU A 118 -0.62 35.10 -17.00
CA GLU A 118 -0.68 34.52 -18.34
C GLU A 118 -1.02 33.04 -18.23
N LEU A 119 -2.08 32.63 -18.93
CA LEU A 119 -2.53 31.24 -18.88
C LEU A 119 -2.56 30.51 -20.21
N PRO A 120 -2.44 29.17 -20.17
CA PRO A 120 -2.47 28.35 -21.39
C PRO A 120 -3.92 28.31 -21.86
N SER A 121 -4.14 27.88 -23.11
CA SER A 121 -5.47 27.80 -23.68
C SER A 121 -6.41 27.06 -22.73
N THR A 122 -5.91 25.96 -22.17
CA THR A 122 -6.70 25.17 -21.24
C THR A 122 -5.75 24.41 -20.31
N GLY A 123 -6.31 23.77 -19.29
CA GLY A 123 -5.50 23.04 -18.35
C GLY A 123 -4.89 23.93 -17.28
N GLY A 124 -4.05 23.34 -16.43
CA GLY A 124 -3.42 24.12 -15.38
C GLY A 124 -4.33 24.40 -14.20
N ASP A 125 -5.45 23.70 -14.11
CA ASP A 125 -6.38 23.88 -12.98
C ASP A 125 -5.60 23.68 -11.69
N THR A 126 -6.06 24.34 -10.63
CA THR A 126 -5.44 24.21 -9.33
C THR A 126 -6.51 23.73 -8.37
N LEU A 127 -6.15 22.75 -7.54
CA LEU A 127 -7.10 22.21 -6.59
C LEU A 127 -6.65 22.47 -5.16
N TRP A 128 -7.61 22.63 -4.27
CA TRP A 128 -7.35 22.82 -2.86
C TRP A 128 -8.11 21.75 -2.10
N THR A 129 -7.49 21.25 -1.03
CA THR A 129 -8.13 20.23 -0.22
C THR A 129 -8.11 20.73 1.21
N SER A 130 -9.22 20.55 1.91
CA SER A 130 -9.37 21.02 3.28
C SER A 130 -8.87 20.08 4.34
N GLY A 131 -7.87 20.52 5.09
CA GLY A 131 -7.34 19.71 6.18
C GLY A 131 -8.37 19.62 7.28
N ILE A 132 -9.28 20.58 7.32
CA ILE A 132 -10.34 20.59 8.32
C ILE A 132 -11.33 19.48 7.99
N ALA A 133 -11.82 19.47 6.74
CA ALA A 133 -12.75 18.45 6.31
C ALA A 133 -12.10 17.07 6.41
N ALA A 134 -10.81 16.99 6.09
CA ALA A 134 -10.09 15.73 6.13
C ALA A 134 -10.02 15.23 7.57
N TYR A 135 -9.77 16.14 8.50
CA TYR A 135 -9.69 15.74 9.91
C TYR A 135 -11.07 15.26 10.37
N GLU A 136 -12.11 16.00 10.00
CA GLU A 136 -13.46 15.67 10.40
C GLU A 136 -13.88 14.29 9.89
N ALA A 137 -13.31 13.89 8.75
CA ALA A 137 -13.63 12.61 8.16
C ALA A 137 -12.93 11.44 8.84
N LEU A 138 -12.03 11.74 9.77
CA LEU A 138 -11.30 10.70 10.50
C LEU A 138 -12.14 10.17 11.65
N SER A 139 -12.08 8.87 11.90
CA SER A 139 -12.82 8.29 13.00
C SER A 139 -12.17 8.82 14.27
N VAL A 140 -12.88 8.76 15.39
CA VAL A 140 -12.32 9.24 16.64
C VAL A 140 -11.00 8.56 16.98
N PRO A 141 -10.93 7.22 16.84
CA PRO A 141 -9.68 6.51 17.15
C PRO A 141 -8.50 7.08 16.35
N PHE A 142 -8.75 7.43 15.09
CA PHE A 142 -7.70 8.00 14.27
C PHE A 142 -7.36 9.44 14.62
N ARG A 143 -8.36 10.21 15.06
CA ARG A 143 -8.09 11.59 15.45
C ARG A 143 -7.20 11.56 16.68
N GLN A 144 -7.55 10.68 17.62
CA GLN A 144 -6.81 10.53 18.86
C GLN A 144 -5.39 10.06 18.58
N LEU A 145 -5.25 9.18 17.60
CA LEU A 145 -3.95 8.66 17.23
C LEU A 145 -3.04 9.75 16.66
N LEU A 146 -3.55 10.49 15.69
CA LEU A 146 -2.77 11.53 15.03
C LEU A 146 -2.52 12.80 15.84
N SER A 147 -3.49 13.16 16.68
CA SER A 147 -3.34 14.35 17.50
C SER A 147 -2.18 14.21 18.47
N GLY A 148 -1.27 15.17 18.43
CA GLY A 148 -0.12 15.09 19.32
C GLY A 148 1.11 14.52 18.63
N LEU A 149 0.92 13.81 17.52
CA LEU A 149 2.06 13.28 16.78
C LEU A 149 2.71 14.44 16.06
N ARG A 150 4.00 14.31 15.77
CA ARG A 150 4.74 15.34 15.05
C ARG A 150 5.34 14.70 13.82
N ALA A 151 5.45 15.48 12.75
CA ALA A 151 6.02 15.00 11.51
C ALA A 151 7.11 15.94 11.06
N GLU A 152 8.08 15.38 10.38
CA GLU A 152 9.20 16.15 9.87
C GLU A 152 8.86 16.69 8.48
N HIS A 153 9.23 17.93 8.26
CA HIS A 153 9.01 18.58 6.97
C HIS A 153 10.41 18.92 6.45
N ASP A 154 10.67 18.61 5.19
CA ASP A 154 11.97 18.87 4.60
C ASP A 154 11.87 19.58 3.27
N PHE A 155 12.48 20.75 3.21
CA PHE A 155 12.53 21.59 2.02
C PHE A 155 12.99 20.77 0.79
N ARG A 156 13.92 19.84 1.01
CA ARG A 156 14.46 19.04 -0.10
C ARG A 156 13.47 18.07 -0.75
N LYS A 157 12.42 17.70 -0.04
CA LYS A 157 11.47 16.76 -0.61
C LYS A 157 10.86 17.34 -1.90
N SER A 158 10.53 18.63 -1.90
CA SER A 158 9.97 19.24 -3.10
C SER A 158 11.03 19.99 -3.89
N PHE A 159 12.20 20.20 -3.29
CA PHE A 159 13.28 20.90 -3.97
C PHE A 159 14.51 20.03 -3.97
N PRO A 160 14.50 18.97 -4.78
CA PRO A 160 15.59 18.02 -4.92
C PRO A 160 16.75 18.74 -5.58
N GLU A 161 17.97 18.48 -5.10
CA GLU A 161 19.16 19.10 -5.65
C GLU A 161 19.30 18.86 -7.15
N TYR A 162 18.95 17.65 -7.61
CA TYR A 162 19.09 17.33 -9.03
C TYR A 162 18.26 18.24 -9.94
N LYS A 163 17.25 18.89 -9.40
CA LYS A 163 16.41 19.79 -10.19
C LYS A 163 17.03 21.17 -10.32
N TYR A 164 18.08 21.42 -9.55
CA TYR A 164 18.72 22.73 -9.57
C TYR A 164 20.21 22.70 -9.89
N ARG A 165 20.55 22.10 -11.02
CA ARG A 165 21.94 22.01 -11.43
C ARG A 165 22.13 22.49 -12.86
N LYS A 166 21.10 23.16 -13.39
CA LYS A 166 21.20 23.70 -14.75
C LYS A 166 22.36 24.66 -14.78
N THR A 167 22.23 25.76 -14.04
CA THR A 167 23.27 26.77 -13.96
C THR A 167 23.90 26.73 -12.57
N GLU A 168 25.14 27.17 -12.46
CA GLU A 168 25.81 27.17 -11.17
C GLU A 168 25.11 28.15 -10.22
N GLU A 169 24.50 29.18 -10.81
CA GLU A 169 23.80 30.19 -10.03
C GLU A 169 22.60 29.54 -9.35
N GLU A 170 21.79 28.86 -10.15
CA GLU A 170 20.61 28.16 -9.67
C GLU A 170 21.00 27.15 -8.59
N HIS A 171 22.13 26.46 -8.81
CA HIS A 171 22.59 25.47 -7.86
C HIS A 171 23.02 26.13 -6.55
N GLN A 172 23.68 27.27 -6.65
CA GLN A 172 24.13 28.00 -5.47
C GLN A 172 22.91 28.47 -4.70
N ARG A 173 21.90 28.94 -5.42
CA ARG A 173 20.67 29.41 -4.78
C ARG A 173 20.08 28.26 -3.96
N TRP A 174 20.17 27.05 -4.51
CA TRP A 174 19.66 25.86 -3.84
C TRP A 174 20.46 25.56 -2.56
N ARG A 175 21.79 25.68 -2.64
CA ARG A 175 22.66 25.42 -1.49
C ARG A 175 22.33 26.33 -0.33
N GLU A 176 22.14 27.62 -0.62
CA GLU A 176 21.82 28.58 0.42
C GLU A 176 20.45 28.31 1.00
N ALA A 177 19.52 27.87 0.16
CA ALA A 177 18.16 27.56 0.61
C ALA A 177 18.16 26.40 1.59
N VAL A 178 18.92 25.35 1.28
CA VAL A 178 18.98 24.17 2.13
C VAL A 178 19.62 24.49 3.48
N ALA A 179 20.75 25.20 3.44
CA ALA A 179 21.45 25.59 4.65
C ALA A 179 20.53 26.34 5.60
N LYS A 180 19.72 27.25 5.06
CA LYS A 180 18.80 28.04 5.87
C LYS A 180 17.51 27.34 6.23
N ASN A 181 17.23 26.20 5.59
CA ASN A 181 15.98 25.49 5.86
C ASN A 181 16.17 24.01 6.15
N PRO A 182 16.73 23.69 7.32
CA PRO A 182 16.97 22.31 7.76
C PRO A 182 15.63 21.67 8.06
N PRO A 183 15.57 20.32 8.08
CA PRO A 183 14.30 19.66 8.38
C PRO A 183 13.83 20.05 9.77
N LEU A 184 12.52 20.20 9.94
CA LEU A 184 11.97 20.57 11.23
C LEU A 184 10.63 19.85 11.45
N LEU A 185 10.16 19.88 12.70
CA LEU A 185 8.92 19.23 13.07
C LEU A 185 7.72 20.17 13.17
N HIS A 186 6.54 19.61 12.90
CA HIS A 186 5.28 20.33 12.99
C HIS A 186 4.24 19.31 13.45
N PRO A 187 3.19 19.77 14.14
CA PRO A 187 2.13 18.86 14.62
C PRO A 187 1.44 18.24 13.42
N VAL A 188 1.05 16.97 13.53
CA VAL A 188 0.35 16.29 12.45
C VAL A 188 -1.09 16.82 12.37
N VAL A 189 -1.64 17.15 13.53
CA VAL A 189 -2.98 17.71 13.61
C VAL A 189 -2.73 19.11 14.16
N ARG A 190 -3.09 20.11 13.38
CA ARG A 190 -2.88 21.49 13.79
C ARG A 190 -4.16 22.20 14.17
N THR A 191 -4.08 22.93 15.28
CA THR A 191 -5.22 23.69 15.77
C THR A 191 -5.12 25.07 15.14
N HIS A 192 -6.13 25.45 14.37
CA HIS A 192 -6.11 26.75 13.72
C HIS A 192 -5.95 27.83 14.79
N PRO A 193 -4.96 28.72 14.63
CA PRO A 193 -4.66 29.80 15.58
C PRO A 193 -5.80 30.79 15.79
N VAL A 194 -6.72 30.85 14.83
CA VAL A 194 -7.82 31.79 14.91
C VAL A 194 -9.16 31.14 15.21
N SER A 195 -9.56 30.20 14.35
CA SER A 195 -10.84 29.52 14.50
C SER A 195 -10.84 28.43 15.58
N GLY A 196 -9.67 27.89 15.88
CA GLY A 196 -9.59 26.83 16.87
C GLY A 196 -9.92 25.46 16.30
N LYS A 197 -10.33 25.43 15.03
CA LYS A 197 -10.68 24.18 14.37
C LYS A 197 -9.45 23.29 14.16
N GLN A 198 -9.60 22.00 14.41
CA GLN A 198 -8.50 21.06 14.23
C GLN A 198 -8.41 20.69 12.75
N ALA A 199 -7.19 20.57 12.25
CA ALA A 199 -6.99 20.24 10.84
C ALA A 199 -5.80 19.33 10.67
N LEU A 200 -5.85 18.47 9.66
CA LEU A 200 -4.72 17.62 9.36
C LEU A 200 -3.65 18.57 8.82
N PHE A 201 -2.42 18.39 9.25
CA PHE A 201 -1.37 19.29 8.81
C PHE A 201 -0.10 18.60 8.31
N VAL A 202 -0.27 17.67 7.38
CA VAL A 202 0.86 17.01 6.74
C VAL A 202 0.58 17.22 5.26
N ASN A 203 1.62 17.22 4.45
CA ASN A 203 1.44 17.37 3.02
C ASN A 203 2.55 16.58 2.34
N GLU A 204 2.19 15.86 1.31
CA GLU A 204 3.16 15.03 0.61
C GLU A 204 4.31 15.86 0.04
N GLY A 205 4.05 17.14 -0.21
CA GLY A 205 5.09 18.00 -0.74
C GLY A 205 6.32 18.12 0.14
N PHE A 206 6.14 18.26 1.45
CA PHE A 206 7.27 18.41 2.37
C PHE A 206 7.36 17.45 3.54
N THR A 207 6.27 16.74 3.83
CA THR A 207 6.30 15.83 4.96
C THR A 207 7.02 14.54 4.61
N THR A 208 8.11 14.27 5.33
CA THR A 208 8.93 13.08 5.08
C THR A 208 8.57 11.90 5.96
N ARG A 209 8.25 12.17 7.23
CA ARG A 209 7.91 11.09 8.15
C ARG A 209 7.39 11.58 9.48
N ILE A 210 6.60 10.73 10.13
CA ILE A 210 6.05 11.03 11.44
C ILE A 210 7.10 10.45 12.37
N VAL A 211 7.61 11.27 13.28
CA VAL A 211 8.67 10.85 14.20
C VAL A 211 8.27 10.17 15.50
N ASP A 212 6.99 10.26 15.86
CA ASP A 212 6.53 9.68 17.12
C ASP A 212 6.06 8.22 17.05
N VAL A 213 6.19 7.62 15.86
CA VAL A 213 5.83 6.21 15.63
C VAL A 213 7.05 5.58 14.98
N SER A 214 6.97 4.30 14.61
CA SER A 214 8.11 3.62 13.99
C SER A 214 8.15 3.96 12.49
N GLU A 215 9.25 3.60 11.83
CA GLU A 215 9.41 3.89 10.41
C GLU A 215 8.30 3.27 9.56
N LYS A 216 7.95 2.01 9.85
CA LYS A 216 6.90 1.37 9.09
C LYS A 216 5.53 1.91 9.46
N GLU A 217 5.36 2.29 10.72
CA GLU A 217 4.10 2.85 11.16
C GLU A 217 3.96 4.19 10.47
N SER A 218 5.04 4.95 10.40
CA SER A 218 5.01 6.25 9.75
C SER A 218 4.61 6.11 8.27
N GLU A 219 5.28 5.20 7.57
CA GLU A 219 4.97 5.01 6.15
C GLU A 219 3.53 4.60 5.98
N ALA A 220 3.01 3.80 6.90
CA ALA A 220 1.62 3.36 6.79
C ALA A 220 0.68 4.55 6.98
N LEU A 221 0.94 5.37 8.00
CA LEU A 221 0.10 6.53 8.28
C LEU A 221 0.16 7.58 7.18
N LEU A 222 1.37 7.91 6.74
CA LEU A 222 1.52 8.91 5.68
C LEU A 222 0.92 8.40 4.37
N SER A 223 1.03 7.09 4.14
CA SER A 223 0.47 6.51 2.94
C SER A 223 -1.03 6.71 2.97
N PHE A 224 -1.64 6.45 4.13
CA PHE A 224 -3.07 6.64 4.28
C PHE A 224 -3.42 8.12 4.12
N LEU A 225 -2.75 8.97 4.89
CA LEU A 225 -3.02 10.40 4.85
C LEU A 225 -2.80 11.05 3.50
N PHE A 226 -1.75 10.68 2.78
CA PHE A 226 -1.51 11.28 1.48
C PHE A 226 -2.61 10.90 0.50
N ALA A 227 -3.29 9.78 0.76
CA ALA A 227 -4.38 9.37 -0.12
C ALA A 227 -5.70 9.99 0.37
N HIS A 228 -5.87 9.96 1.69
CA HIS A 228 -7.05 10.48 2.37
C HIS A 228 -7.41 11.90 1.97
N ILE A 229 -6.40 12.75 1.87
CA ILE A 229 -6.63 14.13 1.52
C ILE A 229 -7.04 14.34 0.05
N THR A 230 -6.95 13.28 -0.75
CA THR A 230 -7.34 13.38 -2.16
C THR A 230 -8.82 13.09 -2.40
N LYS A 231 -9.57 12.84 -1.34
CA LYS A 231 -11.00 12.57 -1.48
C LYS A 231 -11.67 13.81 -2.08
N PRO A 232 -12.41 13.65 -3.18
CA PRO A 232 -13.11 14.74 -3.88
C PRO A 232 -13.92 15.65 -2.97
N GLU A 233 -14.58 15.07 -1.98
CA GLU A 233 -15.40 15.85 -1.07
C GLU A 233 -14.66 16.90 -0.25
N PHE A 234 -13.35 16.73 -0.09
CA PHE A 234 -12.57 17.69 0.69
C PHE A 234 -12.02 18.80 -0.18
N GLN A 235 -12.37 18.78 -1.47
CA GLN A 235 -11.78 19.73 -2.39
C GLN A 235 -12.67 20.69 -3.16
N VAL A 236 -11.98 21.61 -3.84
CA VAL A 236 -12.59 22.59 -4.72
C VAL A 236 -11.57 22.70 -5.84
N ARG A 237 -12.05 22.66 -7.08
CA ARG A 237 -11.15 22.72 -8.22
C ARG A 237 -11.42 24.00 -8.99
N TRP A 238 -10.35 24.72 -9.31
CA TRP A 238 -10.51 25.98 -10.00
C TRP A 238 -9.92 26.04 -11.41
N ARG A 239 -10.75 26.43 -12.36
CA ARG A 239 -10.31 26.57 -13.74
C ARG A 239 -9.95 28.05 -13.88
N TRP A 240 -8.68 28.32 -14.14
CA TRP A 240 -8.18 29.68 -14.25
C TRP A 240 -8.58 30.49 -15.48
N GLN A 241 -8.70 31.79 -15.25
CA GLN A 241 -9.01 32.76 -16.29
C GLN A 241 -8.01 33.88 -16.02
N PRO A 242 -7.57 34.59 -17.07
CA PRO A 242 -6.62 35.66 -16.84
C PRO A 242 -7.10 36.66 -15.79
N ASN A 243 -6.17 37.09 -14.94
CA ASN A 243 -6.46 38.05 -13.87
C ASN A 243 -7.29 37.51 -12.73
N ASP A 244 -7.34 36.20 -12.60
CA ASP A 244 -8.06 35.58 -11.50
C ASP A 244 -7.19 35.82 -10.28
N ILE A 245 -7.81 35.75 -9.12
CA ILE A 245 -7.11 35.93 -7.85
C ILE A 245 -7.58 34.80 -6.96
N ALA A 246 -6.63 34.16 -6.27
CA ALA A 246 -6.95 33.09 -5.35
C ALA A 246 -6.25 33.40 -4.04
N ILE A 247 -7.00 33.38 -2.95
CA ILE A 247 -6.47 33.66 -1.63
C ILE A 247 -6.88 32.49 -0.76
N TRP A 248 -5.93 31.88 -0.06
CA TRP A 248 -6.26 30.75 0.77
C TRP A 248 -5.55 30.74 2.12
N ASP A 249 -6.17 30.05 3.07
CA ASP A 249 -5.61 29.91 4.39
C ASP A 249 -4.69 28.69 4.29
N ASN A 250 -3.39 28.94 4.29
CA ASN A 250 -2.37 27.91 4.15
C ASN A 250 -2.15 27.10 5.44
N ARG A 251 -2.87 27.44 6.48
CA ARG A 251 -2.75 26.74 7.76
C ARG A 251 -3.61 25.47 7.84
N VAL A 252 -4.59 25.37 6.95
CA VAL A 252 -5.50 24.23 6.95
C VAL A 252 -5.85 23.70 5.57
N THR A 253 -4.99 23.94 4.60
CA THR A 253 -5.23 23.43 3.26
C THR A 253 -3.96 23.00 2.58
N GLN A 254 -4.13 22.29 1.48
CA GLN A 254 -3.04 21.85 0.65
C GLN A 254 -3.60 22.14 -0.73
N HIS A 255 -2.74 22.36 -1.70
CA HIS A 255 -3.22 22.56 -3.05
C HIS A 255 -2.37 21.78 -4.01
N TYR A 256 -2.85 21.63 -5.23
CA TYR A 256 -2.19 20.86 -6.26
C TYR A 256 -2.43 21.59 -7.58
N ALA A 257 -1.37 21.84 -8.33
CA ALA A 257 -1.48 22.54 -9.61
C ALA A 257 -1.20 21.58 -10.76
N ASN A 258 -2.20 21.34 -11.60
CA ASN A 258 -2.06 20.44 -12.73
C ASN A 258 -0.94 20.82 -13.68
N ALA A 259 -0.20 19.82 -14.13
CA ALA A 259 0.90 19.99 -15.07
C ALA A 259 0.44 19.27 -16.33
N ASP A 260 -0.48 19.89 -17.05
CA ASP A 260 -1.04 19.31 -18.26
C ASP A 260 -1.17 20.33 -19.38
N TYR A 261 -0.24 21.29 -19.45
CA TYR A 261 -0.33 22.32 -20.48
C TYR A 261 0.88 22.54 -21.38
N LEU A 262 2.08 22.23 -20.92
CA LEU A 262 3.26 22.41 -21.77
C LEU A 262 2.94 21.77 -23.12
N PRO A 263 3.56 22.25 -24.21
CA PRO A 263 4.53 23.32 -24.38
C PRO A 263 4.04 24.74 -24.06
N GLN A 264 2.75 24.89 -23.79
CA GLN A 264 2.21 26.20 -23.48
C GLN A 264 2.84 26.80 -22.22
N ARG A 265 2.92 28.12 -22.20
CA ARG A 265 3.51 28.86 -21.08
C ARG A 265 2.43 29.32 -20.09
N ARG A 266 2.79 29.38 -18.82
CA ARG A 266 1.86 29.79 -17.78
C ARG A 266 2.61 30.64 -16.77
N ILE A 267 2.06 31.82 -16.45
CA ILE A 267 2.69 32.73 -15.52
C ILE A 267 1.77 33.12 -14.38
N MET A 268 2.20 32.84 -13.16
CA MET A 268 1.43 33.16 -11.97
C MET A 268 2.30 33.98 -11.04
N HIS A 269 1.66 34.86 -10.27
CA HIS A 269 2.36 35.69 -9.30
C HIS A 269 1.78 35.34 -7.93
N ARG A 270 2.66 35.16 -6.94
CA ARG A 270 2.18 34.81 -5.62
C ARG A 270 2.76 35.64 -4.49
N ALA A 271 1.88 36.08 -3.60
CA ALA A 271 2.26 36.84 -2.42
C ALA A 271 2.10 35.82 -1.30
N THR A 272 3.10 35.71 -0.44
CA THR A 272 3.04 34.74 0.65
C THR A 272 3.09 35.38 2.03
N ILE A 273 2.02 35.20 2.78
CA ILE A 273 1.85 35.78 4.11
C ILE A 273 2.33 34.90 5.27
N LEU A 274 3.36 35.33 5.98
CA LEU A 274 3.89 34.57 7.12
C LEU A 274 2.83 34.35 8.17
N GLY A 275 2.92 33.21 8.85
CA GLY A 275 1.99 32.89 9.91
C GLY A 275 2.82 32.73 11.17
N ASP A 276 2.29 32.02 12.17
CA ASP A 276 3.05 31.82 13.40
C ASP A 276 3.40 30.34 13.55
N LYS A 277 3.92 29.96 14.72
CA LYS A 277 4.31 28.57 14.95
C LYS A 277 3.10 27.63 15.00
N PRO A 278 3.08 26.60 14.14
CA PRO A 278 1.96 25.66 14.14
C PRO A 278 1.94 24.91 15.47
N PHE A 279 0.78 24.79 16.08
CA PHE A 279 0.67 24.08 17.35
C PHE A 279 -0.60 23.27 17.36
N TYR A 280 -0.69 22.37 18.33
CA TYR A 280 -1.87 21.57 18.52
C TYR A 280 -2.33 21.76 19.96
N ARG A 281 -3.60 22.08 20.13
CA ARG A 281 -4.16 22.28 21.46
C ARG A 281 -5.48 21.52 21.52
N ALA A 282 -5.54 20.54 22.43
CA ALA A 282 -6.76 19.75 22.58
C ALA A 282 -7.81 20.57 23.33
N ARG B 4 -21.79 24.77 -35.57
CA ARG B 4 -23.10 25.23 -35.03
C ARG B 4 -23.06 25.38 -33.51
N LEU B 5 -22.88 24.27 -32.81
CA LEU B 5 -22.82 24.31 -31.35
C LEU B 5 -21.52 24.92 -30.86
N SER B 6 -21.59 25.59 -29.73
CA SER B 6 -20.42 26.23 -29.12
C SER B 6 -19.80 25.26 -28.11
N ILE B 7 -18.65 24.69 -28.48
CA ILE B 7 -17.94 23.74 -27.64
C ILE B 7 -16.79 24.42 -26.93
N THR B 8 -16.77 24.36 -25.60
CA THR B 8 -15.71 24.97 -24.81
C THR B 8 -15.00 23.93 -23.96
N PRO B 9 -13.79 23.51 -24.36
CA PRO B 9 -13.04 22.51 -23.59
C PRO B 9 -12.85 22.92 -22.13
N LEU B 10 -13.04 21.98 -21.22
CA LEU B 10 -12.87 22.28 -19.80
C LEU B 10 -11.47 21.88 -19.37
N GLY B 11 -10.76 21.19 -20.25
CA GLY B 11 -9.41 20.76 -19.99
C GLY B 11 -8.78 20.15 -21.23
N PRO B 12 -7.47 19.85 -21.20
CA PRO B 12 -6.76 19.27 -22.35
C PRO B 12 -7.12 17.82 -22.66
N TYR B 13 -7.55 17.08 -21.64
CA TYR B 13 -7.85 15.67 -21.82
C TYR B 13 -9.30 15.27 -21.70
N ILE B 14 -10.08 16.00 -20.92
CA ILE B 14 -11.47 15.61 -20.74
C ILE B 14 -12.38 16.73 -20.32
N GLY B 15 -13.62 16.66 -20.80
CA GLY B 15 -14.59 17.67 -20.44
C GLY B 15 -14.72 18.84 -21.39
N ALA B 16 -15.97 19.22 -21.65
CA ALA B 16 -16.28 20.33 -22.52
C ALA B 16 -17.69 20.78 -22.21
N GLN B 17 -17.92 22.09 -22.24
CA GLN B 17 -19.24 22.62 -21.99
C GLN B 17 -19.78 23.04 -23.35
N ILE B 18 -21.04 22.71 -23.61
CA ILE B 18 -21.65 23.01 -24.89
C ILE B 18 -22.85 23.93 -24.77
N SER B 19 -22.98 24.86 -25.71
CA SER B 19 -24.10 25.80 -25.73
C SER B 19 -24.60 25.94 -27.17
N GLY B 20 -25.87 26.33 -27.31
CA GLY B 20 -26.46 26.50 -28.62
C GLY B 20 -27.30 25.30 -29.01
N ALA B 21 -27.45 24.36 -28.10
CA ALA B 21 -28.22 23.16 -28.36
C ALA B 21 -29.44 23.06 -27.45
N ASP B 22 -30.61 23.31 -28.03
CA ASP B 22 -31.86 23.24 -27.28
C ASP B 22 -32.30 21.78 -27.23
N LEU B 23 -32.07 21.14 -26.08
CA LEU B 23 -32.41 19.72 -25.92
C LEU B 23 -33.88 19.52 -25.56
N THR B 24 -34.66 20.59 -25.57
CA THR B 24 -36.08 20.48 -25.25
C THR B 24 -36.84 19.88 -26.44
N ARG B 25 -36.19 19.89 -27.60
CA ARG B 25 -36.79 19.35 -28.81
C ARG B 25 -35.69 18.69 -29.64
N PRO B 26 -36.06 17.85 -30.63
CA PRO B 26 -35.11 17.15 -31.48
C PRO B 26 -34.04 18.04 -32.10
N LEU B 27 -32.84 17.49 -32.24
CA LEU B 27 -31.72 18.20 -32.83
C LEU B 27 -31.60 17.79 -34.28
N SER B 28 -31.11 18.70 -35.12
CA SER B 28 -30.95 18.38 -36.53
C SER B 28 -29.83 17.36 -36.59
N ASP B 29 -29.84 16.50 -37.60
CA ASP B 29 -28.81 15.49 -37.74
C ASP B 29 -27.44 16.13 -37.60
N ASN B 30 -27.33 17.37 -38.07
CA ASN B 30 -26.08 18.10 -38.01
C ASN B 30 -25.69 18.49 -36.58
N GLN B 31 -26.69 18.86 -35.78
CA GLN B 31 -26.44 19.23 -34.39
C GLN B 31 -26.11 18.00 -33.56
N PHE B 32 -26.86 16.92 -33.79
CA PHE B 32 -26.62 15.69 -33.04
C PHE B 32 -25.21 15.18 -33.32
N GLU B 33 -24.80 15.24 -34.58
CA GLU B 33 -23.48 14.78 -34.97
C GLU B 33 -22.42 15.54 -34.17
N GLN B 34 -22.61 16.85 -34.07
CA GLN B 34 -21.67 17.70 -33.33
C GLN B 34 -21.61 17.25 -31.88
N LEU B 35 -22.78 16.99 -31.32
CA LEU B 35 -22.89 16.55 -29.94
C LEU B 35 -22.19 15.21 -29.77
N TYR B 36 -22.59 14.24 -30.58
CA TYR B 36 -22.02 12.91 -30.55
C TYR B 36 -20.48 12.96 -30.59
N HIS B 37 -19.95 13.64 -31.61
CA HIS B 37 -18.50 13.75 -31.74
C HIS B 37 -17.86 14.51 -30.59
N ALA B 38 -18.60 15.46 -30.02
CA ALA B 38 -18.07 16.24 -28.88
C ALA B 38 -17.89 15.28 -27.71
N VAL B 39 -18.89 14.42 -27.50
CA VAL B 39 -18.85 13.45 -26.43
C VAL B 39 -17.73 12.44 -26.70
N LEU B 40 -17.57 12.02 -27.94
CA LEU B 40 -16.51 11.08 -28.28
C LEU B 40 -15.17 11.74 -28.01
N ARG B 41 -15.03 12.98 -28.47
CA ARG B 41 -13.80 13.71 -28.28
C ARG B 41 -13.47 14.02 -26.83
N HIS B 42 -14.34 14.79 -26.18
CA HIS B 42 -14.11 15.20 -24.80
C HIS B 42 -14.55 14.24 -23.69
N GLN B 43 -15.11 13.10 -24.08
CA GLN B 43 -15.55 12.06 -23.13
C GLN B 43 -16.73 12.38 -22.22
N VAL B 44 -16.89 13.64 -21.86
CA VAL B 44 -18.02 14.06 -21.05
C VAL B 44 -18.28 15.52 -21.37
N VAL B 45 -19.50 15.83 -21.75
CA VAL B 45 -19.86 17.19 -22.09
C VAL B 45 -20.99 17.68 -21.21
N PHE B 46 -21.04 18.99 -20.99
CA PHE B 46 -22.06 19.58 -20.15
C PHE B 46 -22.83 20.69 -20.85
N LEU B 47 -24.15 20.65 -20.68
CA LEU B 47 -25.04 21.66 -21.27
C LEU B 47 -25.89 22.23 -20.15
N ARG B 48 -25.86 23.54 -19.97
CA ARG B 48 -26.65 24.16 -18.91
C ARG B 48 -27.97 24.69 -19.46
N ASP B 49 -28.87 25.02 -18.54
CA ASP B 49 -30.18 25.57 -18.87
C ASP B 49 -30.96 24.75 -19.89
N GLN B 50 -31.10 23.46 -19.61
CA GLN B 50 -31.84 22.56 -20.48
C GLN B 50 -32.97 21.89 -19.70
N ALA B 51 -34.00 22.66 -19.36
CA ALA B 51 -35.13 22.12 -18.63
C ALA B 51 -35.87 21.13 -19.52
N ILE B 52 -35.54 19.86 -19.39
CA ILE B 52 -36.17 18.83 -20.19
C ILE B 52 -36.98 17.84 -19.35
N THR B 53 -37.94 17.19 -19.99
CA THR B 53 -38.77 16.22 -19.32
C THR B 53 -38.19 14.84 -19.58
N PRO B 54 -38.59 13.84 -18.78
CA PRO B 54 -38.08 12.48 -18.96
C PRO B 54 -38.27 12.06 -20.42
N GLN B 55 -39.51 12.16 -20.90
CA GLN B 55 -39.84 11.80 -22.28
C GLN B 55 -38.85 12.43 -23.27
N GLN B 56 -38.55 13.71 -23.08
CA GLN B 56 -37.61 14.40 -23.97
C GLN B 56 -36.18 13.89 -23.77
N GLN B 57 -35.86 13.53 -22.53
CA GLN B 57 -34.54 13.01 -22.22
C GLN B 57 -34.34 11.66 -22.90
N ARG B 58 -35.37 10.82 -22.85
CA ARG B 58 -35.32 9.51 -23.48
C ARG B 58 -35.23 9.66 -25.00
N ALA B 59 -35.93 10.65 -25.53
CA ALA B 59 -35.93 10.92 -26.96
C ALA B 59 -34.52 11.29 -27.41
N LEU B 60 -33.84 12.10 -26.59
CA LEU B 60 -32.48 12.51 -26.91
C LEU B 60 -31.51 11.35 -26.81
N ALA B 61 -31.70 10.51 -25.79
CA ALA B 61 -30.84 9.34 -25.56
C ALA B 61 -30.99 8.27 -26.62
N GLN B 62 -32.24 7.93 -26.95
CA GLN B 62 -32.50 6.90 -27.97
C GLN B 62 -31.85 7.30 -29.29
N ARG B 63 -31.52 8.57 -29.39
CA ARG B 63 -30.88 9.12 -30.57
C ARG B 63 -29.44 8.62 -30.65
N PHE B 64 -28.92 8.13 -29.52
CA PHE B 64 -27.55 7.61 -29.47
C PHE B 64 -27.56 6.10 -29.63
N GLY B 65 -28.71 5.49 -29.35
CA GLY B 65 -28.83 4.06 -29.47
C GLY B 65 -29.89 3.51 -28.54
N GLU B 66 -30.03 2.19 -28.54
CA GLU B 66 -30.99 1.53 -27.68
C GLU B 66 -30.65 1.86 -26.23
N LEU B 67 -31.67 2.05 -25.40
CA LEU B 67 -31.47 2.38 -24.01
C LEU B 67 -31.46 1.13 -23.14
N HIS B 68 -30.70 1.19 -22.06
CA HIS B 68 -30.58 0.07 -21.13
C HIS B 68 -31.50 0.30 -19.94
N ILE B 69 -32.05 -0.78 -19.41
CA ILE B 69 -32.94 -0.71 -18.27
C ILE B 69 -32.15 -1.20 -17.06
N HIS B 70 -31.97 -0.34 -16.07
CA HIS B 70 -31.21 -0.74 -14.89
C HIS B 70 -31.99 -1.79 -14.09
N PRO B 71 -31.30 -2.84 -13.65
CA PRO B 71 -31.87 -3.96 -12.88
C PRO B 71 -32.31 -3.60 -11.47
N VAL B 72 -31.96 -2.39 -11.01
CA VAL B 72 -32.31 -2.00 -9.66
C VAL B 72 -32.84 -0.60 -9.45
N TYR B 73 -32.27 0.39 -10.14
CA TYR B 73 -32.71 1.76 -9.98
C TYR B 73 -34.13 2.00 -10.47
N PRO B 74 -34.91 2.79 -9.72
CA PRO B 74 -36.30 3.12 -10.07
C PRO B 74 -36.32 3.99 -11.31
N HIS B 75 -37.46 4.03 -12.00
CA HIS B 75 -37.58 4.85 -13.20
C HIS B 75 -38.63 5.94 -13.00
N ALA B 76 -38.59 6.95 -13.86
CA ALA B 76 -39.55 8.05 -13.76
C ALA B 76 -40.92 7.54 -14.18
N GLU B 77 -41.97 8.18 -13.68
CA GLU B 77 -43.32 7.77 -14.02
C GLU B 77 -43.59 7.95 -15.52
N GLY B 78 -43.81 6.83 -16.21
CA GLY B 78 -44.08 6.89 -17.63
C GLY B 78 -42.91 6.51 -18.52
N VAL B 79 -41.69 6.63 -18.01
CA VAL B 79 -40.51 6.30 -18.79
C VAL B 79 -39.68 5.22 -18.09
N ASP B 80 -39.76 3.99 -18.60
CA ASP B 80 -39.03 2.88 -18.02
C ASP B 80 -37.52 3.00 -18.21
N GLU B 81 -37.11 3.68 -19.29
CA GLU B 81 -35.70 3.83 -19.60
C GLU B 81 -34.97 4.93 -18.84
N ILE B 82 -35.71 5.76 -18.11
CA ILE B 82 -35.07 6.84 -17.35
C ILE B 82 -35.08 6.58 -15.86
N ILE B 83 -33.90 6.30 -15.30
CA ILE B 83 -33.81 6.03 -13.87
C ILE B 83 -33.86 7.32 -13.09
N VAL B 84 -34.40 7.25 -11.89
CA VAL B 84 -34.49 8.40 -11.03
C VAL B 84 -33.56 8.18 -9.84
N LEU B 85 -32.59 9.07 -9.70
CA LEU B 85 -31.64 9.00 -8.60
C LEU B 85 -32.01 10.09 -7.60
N ASP B 86 -32.95 9.74 -6.73
CA ASP B 86 -33.46 10.64 -5.70
C ASP B 86 -32.79 10.27 -4.38
N THR B 87 -31.86 11.09 -3.92
CA THR B 87 -31.16 10.80 -2.66
C THR B 87 -31.49 11.77 -1.53
N HIS B 88 -31.54 11.22 -0.32
CA HIS B 88 -31.85 11.98 0.89
C HIS B 88 -31.53 11.10 2.10
N ASN B 89 -31.90 11.57 3.29
CA ASN B 89 -31.63 10.80 4.51
C ASN B 89 -32.13 9.38 4.45
N ASP B 90 -33.29 9.17 3.82
CA ASP B 90 -33.87 7.84 3.72
C ASP B 90 -33.32 7.05 2.54
N ASN B 91 -32.51 7.69 1.73
CA ASN B 91 -31.88 7.06 0.58
C ASN B 91 -30.56 7.77 0.29
N PRO B 92 -29.57 7.58 1.18
CA PRO B 92 -28.23 8.18 1.07
C PRO B 92 -27.54 7.90 -0.25
N PRO B 93 -26.73 8.86 -0.74
CA PRO B 93 -26.01 8.71 -2.01
C PRO B 93 -25.15 7.45 -1.99
N ASP B 94 -25.12 6.71 -3.10
CA ASP B 94 -24.35 5.47 -3.19
C ASP B 94 -23.38 5.53 -4.38
N ASN B 95 -23.05 6.74 -4.83
CA ASN B 95 -22.16 6.90 -5.97
C ASN B 95 -20.90 7.69 -5.70
N ASP B 96 -20.50 7.75 -4.44
CA ASP B 96 -19.28 8.45 -4.05
C ASP B 96 -18.13 7.45 -4.08
N ASN B 97 -17.93 6.87 -5.25
CA ASN B 97 -16.86 5.92 -5.49
C ASN B 97 -16.60 5.99 -6.98
N TRP B 98 -15.38 5.69 -7.39
CA TRP B 98 -15.05 5.75 -8.81
C TRP B 98 -15.61 4.54 -9.52
N HIS B 99 -16.55 4.78 -10.43
CA HIS B 99 -17.14 3.68 -11.16
C HIS B 99 -17.48 4.01 -12.61
N THR B 100 -17.66 2.96 -13.40
CA THR B 100 -18.05 3.09 -14.79
C THR B 100 -19.43 2.45 -14.74
N ASP B 101 -20.39 3.03 -15.44
CA ASP B 101 -21.73 2.48 -15.38
C ASP B 101 -21.94 1.10 -15.95
N VAL B 102 -22.65 0.29 -15.18
CA VAL B 102 -23.02 -1.07 -15.56
C VAL B 102 -21.98 -1.88 -16.30
N THR B 103 -20.76 -1.97 -15.76
CA THR B 103 -19.71 -2.76 -16.40
C THR B 103 -19.86 -4.21 -15.98
N PHE B 104 -20.94 -4.52 -15.25
CA PHE B 104 -21.20 -5.87 -14.80
C PHE B 104 -22.00 -6.69 -15.82
N ILE B 105 -22.19 -6.12 -17.01
CA ILE B 105 -22.90 -6.84 -18.07
C ILE B 105 -21.92 -7.06 -19.22
N GLU B 106 -22.20 -8.07 -20.05
CA GLU B 106 -21.33 -8.39 -21.17
C GLU B 106 -21.10 -7.22 -22.11
N THR B 107 -22.07 -6.32 -22.23
CA THR B 107 -21.95 -5.17 -23.12
C THR B 107 -22.34 -3.92 -22.35
N PRO B 108 -21.41 -3.39 -21.54
CA PRO B 108 -21.63 -2.19 -20.74
C PRO B 108 -22.12 -1.01 -21.58
N PRO B 109 -22.91 -0.13 -20.97
CA PRO B 109 -23.45 1.05 -21.67
C PRO B 109 -22.34 1.86 -22.35
N ALA B 110 -22.62 2.34 -23.57
CA ALA B 110 -21.64 3.14 -24.30
C ALA B 110 -21.64 4.57 -23.77
N GLY B 111 -22.70 4.92 -23.06
CA GLY B 111 -22.81 6.26 -22.51
C GLY B 111 -24.08 6.48 -21.75
N ALA B 112 -24.30 7.72 -21.32
CA ALA B 112 -25.49 8.07 -20.57
C ALA B 112 -25.71 9.56 -20.61
N ILE B 113 -26.90 9.98 -20.21
CA ILE B 113 -27.28 11.38 -20.15
C ILE B 113 -27.90 11.61 -18.78
N LEU B 114 -27.31 12.52 -18.01
CA LEU B 114 -27.82 12.80 -16.68
C LEU B 114 -28.40 14.20 -16.66
N ALA B 115 -29.55 14.35 -16.00
CA ALA B 115 -30.22 15.65 -15.89
C ALA B 115 -30.42 16.05 -14.44
N ALA B 116 -30.03 17.27 -14.11
CA ALA B 116 -30.17 17.78 -12.75
C ALA B 116 -31.56 18.37 -12.58
N LYS B 117 -32.44 17.66 -11.87
CA LYS B 117 -33.81 18.11 -11.64
C LYS B 117 -33.85 19.10 -10.49
N GLU B 118 -33.49 18.64 -9.30
CA GLU B 118 -33.45 19.51 -8.13
C GLU B 118 -32.18 19.18 -7.33
N LEU B 119 -31.47 20.23 -6.93
CA LEU B 119 -30.21 20.05 -6.20
C LEU B 119 -30.16 20.77 -4.87
N PRO B 120 -29.17 20.41 -4.02
CA PRO B 120 -28.99 21.02 -2.71
C PRO B 120 -28.38 22.41 -2.89
N SER B 121 -28.40 23.21 -1.84
CA SER B 121 -27.84 24.55 -1.87
C SER B 121 -26.40 24.53 -2.40
N THR B 122 -25.68 23.47 -2.08
CA THR B 122 -24.30 23.33 -2.52
C THR B 122 -23.87 21.88 -2.36
N GLY B 123 -22.75 21.52 -2.98
CA GLY B 123 -22.26 20.16 -2.88
C GLY B 123 -22.83 19.25 -3.94
N GLY B 124 -22.47 17.97 -3.87
CA GLY B 124 -22.97 17.02 -4.84
C GLY B 124 -22.28 17.07 -6.19
N ASP B 125 -21.09 17.69 -6.26
CA ASP B 125 -20.35 17.76 -7.51
C ASP B 125 -20.10 16.35 -8.02
N THR B 126 -20.04 16.20 -9.33
CA THR B 126 -19.76 14.91 -9.93
C THR B 126 -18.47 15.05 -10.71
N LEU B 127 -17.59 14.07 -10.56
CA LEU B 127 -16.31 14.11 -11.26
C LEU B 127 -16.14 12.96 -12.24
N TRP B 128 -15.47 13.24 -13.34
CA TRP B 128 -15.20 12.23 -14.35
C TRP B 128 -13.70 12.13 -14.52
N THR B 129 -13.22 10.91 -14.74
CA THR B 129 -11.81 10.70 -14.96
C THR B 129 -11.67 9.95 -16.28
N SER B 130 -10.67 10.32 -17.06
CA SER B 130 -10.43 9.72 -18.36
C SER B 130 -9.57 8.47 -18.37
N GLY B 131 -10.16 7.36 -18.81
CA GLY B 131 -9.41 6.12 -18.89
C GLY B 131 -8.36 6.23 -19.98
N ILE B 132 -8.62 7.10 -20.96
CA ILE B 132 -7.69 7.30 -22.05
C ILE B 132 -6.45 8.04 -21.54
N ALA B 133 -6.67 9.16 -20.86
CA ALA B 133 -5.57 9.93 -20.29
C ALA B 133 -4.79 9.08 -19.30
N ALA B 134 -5.51 8.26 -18.52
CA ALA B 134 -4.88 7.41 -17.52
C ALA B 134 -3.98 6.39 -18.21
N TYR B 135 -4.47 5.79 -19.29
CA TYR B 135 -3.67 4.82 -20.02
C TYR B 135 -2.43 5.50 -20.56
N GLU B 136 -2.62 6.65 -21.20
CA GLU B 136 -1.51 7.39 -21.78
C GLU B 136 -0.42 7.68 -20.75
N ALA B 137 -0.83 7.95 -19.51
CA ALA B 137 0.11 8.25 -18.43
C ALA B 137 0.88 7.02 -17.93
N LEU B 138 0.51 5.86 -18.46
CA LEU B 138 1.18 4.62 -18.11
C LEU B 138 2.50 4.50 -18.89
N SER B 139 3.53 3.98 -18.26
CA SER B 139 4.80 3.81 -18.94
C SER B 139 4.58 2.63 -19.89
N VAL B 140 5.42 2.49 -20.91
CA VAL B 140 5.27 1.42 -21.88
C VAL B 140 5.25 0.02 -21.24
N PRO B 141 6.18 -0.26 -20.30
CA PRO B 141 6.17 -1.57 -19.67
C PRO B 141 4.82 -1.86 -19.00
N PHE B 142 4.21 -0.83 -18.42
CA PHE B 142 2.92 -1.00 -17.77
C PHE B 142 1.79 -1.19 -18.76
N ARG B 143 1.88 -0.51 -19.90
CA ARG B 143 0.85 -0.65 -20.91
C ARG B 143 0.88 -2.10 -21.41
N GLN B 144 2.08 -2.59 -21.68
CA GLN B 144 2.26 -3.96 -22.16
C GLN B 144 1.74 -4.94 -21.12
N LEU B 145 1.94 -4.61 -19.86
CA LEU B 145 1.51 -5.47 -18.77
C LEU B 145 -0.02 -5.57 -18.71
N LEU B 146 -0.68 -4.44 -18.57
CA LEU B 146 -2.13 -4.39 -18.44
C LEU B 146 -2.90 -4.80 -19.69
N SER B 147 -2.40 -4.43 -20.86
CA SER B 147 -3.05 -4.79 -22.11
C SER B 147 -3.09 -6.32 -22.17
N GLY B 148 -4.23 -6.87 -22.54
CA GLY B 148 -4.32 -8.33 -22.61
C GLY B 148 -4.90 -8.92 -21.34
N LEU B 149 -4.51 -8.39 -20.18
CA LEU B 149 -5.03 -8.87 -18.90
C LEU B 149 -6.54 -8.63 -18.85
N ARG B 150 -7.22 -9.42 -18.04
CA ARG B 150 -8.67 -9.30 -17.91
C ARG B 150 -9.04 -9.18 -16.44
N ALA B 151 -10.08 -8.40 -16.17
CA ALA B 151 -10.52 -8.21 -14.80
C ALA B 151 -11.99 -8.60 -14.62
N GLU B 152 -12.31 -9.10 -13.44
CA GLU B 152 -13.67 -9.50 -13.11
C GLU B 152 -14.47 -8.32 -12.59
N HIS B 153 -15.70 -8.20 -13.07
CA HIS B 153 -16.61 -7.16 -12.65
C HIS B 153 -17.80 -7.84 -11.97
N ASP B 154 -18.10 -7.43 -10.75
CA ASP B 154 -19.19 -8.02 -10.00
C ASP B 154 -20.26 -7.01 -9.61
N PHE B 155 -21.47 -7.20 -10.15
CA PHE B 155 -22.63 -6.35 -9.87
C PHE B 155 -22.77 -6.00 -8.39
N ARG B 156 -22.62 -7.01 -7.54
CA ARG B 156 -22.79 -6.82 -6.11
C ARG B 156 -21.78 -5.91 -5.41
N LYS B 157 -20.64 -5.64 -6.04
CA LYS B 157 -19.65 -4.79 -5.38
C LYS B 157 -20.22 -3.41 -5.08
N SER B 158 -21.08 -2.90 -5.97
CA SER B 158 -21.68 -1.59 -5.78
C SER B 158 -23.13 -1.70 -5.29
N PHE B 159 -23.70 -2.90 -5.39
CA PHE B 159 -25.07 -3.12 -4.94
C PHE B 159 -25.08 -4.23 -3.90
N PRO B 160 -24.71 -3.89 -2.65
CA PRO B 160 -24.65 -4.82 -1.52
C PRO B 160 -26.06 -5.30 -1.18
N GLU B 161 -26.16 -6.57 -0.81
CA GLU B 161 -27.43 -7.15 -0.46
C GLU B 161 -28.12 -6.40 0.68
N TYR B 162 -27.40 -6.20 1.78
CA TYR B 162 -27.95 -5.52 2.95
C TYR B 162 -28.65 -4.20 2.61
N LYS B 163 -28.27 -3.59 1.49
CA LYS B 163 -28.88 -2.32 1.09
C LYS B 163 -30.20 -2.47 0.36
N TYR B 164 -30.58 -3.70 0.01
CA TYR B 164 -31.83 -3.90 -0.73
C TYR B 164 -32.90 -4.79 -0.11
N ARG B 165 -32.74 -5.16 1.15
CA ARG B 165 -33.75 -5.99 1.79
C ARG B 165 -34.60 -5.12 2.72
N LYS B 166 -35.19 -4.08 2.14
CA LYS B 166 -36.05 -3.16 2.86
C LYS B 166 -37.51 -3.48 2.55
N THR B 167 -37.75 -4.02 1.35
CA THR B 167 -39.09 -4.41 0.93
C THR B 167 -39.01 -5.67 0.08
N GLU B 168 -40.07 -6.47 0.14
CA GLU B 168 -40.17 -7.72 -0.58
C GLU B 168 -39.86 -7.60 -2.07
N GLU B 169 -40.51 -6.64 -2.74
CA GLU B 169 -40.31 -6.42 -4.16
C GLU B 169 -38.88 -5.93 -4.48
N GLU B 170 -38.24 -5.32 -3.49
CA GLU B 170 -36.89 -4.82 -3.67
C GLU B 170 -35.87 -5.96 -3.60
N HIS B 171 -35.90 -6.72 -2.51
CA HIS B 171 -34.98 -7.84 -2.36
C HIS B 171 -35.18 -8.80 -3.53
N GLN B 172 -36.38 -8.75 -4.11
CA GLN B 172 -36.73 -9.59 -5.24
C GLN B 172 -35.92 -9.23 -6.48
N ARG B 173 -36.02 -7.96 -6.90
CA ARG B 173 -35.28 -7.51 -8.08
C ARG B 173 -33.78 -7.63 -7.89
N TRP B 174 -33.32 -7.58 -6.64
CA TRP B 174 -31.89 -7.69 -6.35
C TRP B 174 -31.43 -9.10 -6.68
N ARG B 175 -32.02 -10.10 -6.03
CA ARG B 175 -31.65 -11.49 -6.26
C ARG B 175 -31.70 -11.75 -7.76
N GLU B 176 -32.77 -11.25 -8.38
CA GLU B 176 -32.98 -11.40 -9.81
C GLU B 176 -31.80 -10.78 -10.57
N ALA B 177 -31.37 -9.61 -10.12
CA ALA B 177 -30.25 -8.93 -10.77
C ALA B 177 -28.99 -9.77 -10.62
N VAL B 178 -28.77 -10.30 -9.42
CA VAL B 178 -27.60 -11.13 -9.12
C VAL B 178 -27.54 -12.40 -9.97
N ALA B 179 -28.63 -13.16 -9.96
CA ALA B 179 -28.70 -14.41 -10.73
C ALA B 179 -28.54 -14.12 -12.22
N LYS B 180 -29.07 -12.99 -12.66
CA LYS B 180 -28.97 -12.60 -14.06
C LYS B 180 -27.60 -12.04 -14.39
N ASN B 181 -26.94 -11.47 -13.39
CA ASN B 181 -25.63 -10.87 -13.59
C ASN B 181 -24.50 -11.46 -12.75
N PRO B 182 -24.01 -12.65 -13.13
CA PRO B 182 -22.92 -13.25 -12.35
C PRO B 182 -21.65 -12.46 -12.67
N PRO B 183 -20.57 -12.67 -11.89
CA PRO B 183 -19.34 -11.94 -12.17
C PRO B 183 -18.83 -12.31 -13.56
N LEU B 184 -18.34 -11.32 -14.31
CA LEU B 184 -17.81 -11.58 -15.64
C LEU B 184 -16.51 -10.82 -15.87
N LEU B 185 -15.86 -11.11 -16.99
CA LEU B 185 -14.58 -10.49 -17.32
C LEU B 185 -14.66 -9.43 -18.40
N HIS B 186 -13.75 -8.46 -18.31
CA HIS B 186 -13.63 -7.38 -19.27
C HIS B 186 -12.14 -7.07 -19.37
N PRO B 187 -11.71 -6.56 -20.53
CA PRO B 187 -10.29 -6.23 -20.73
C PRO B 187 -9.88 -5.14 -19.76
N VAL B 188 -8.68 -5.25 -19.21
CA VAL B 188 -8.17 -4.23 -18.29
C VAL B 188 -7.92 -2.98 -19.12
N VAL B 189 -7.47 -3.18 -20.34
CA VAL B 189 -7.22 -2.08 -21.26
C VAL B 189 -8.23 -2.28 -22.39
N ARG B 190 -9.08 -1.30 -22.59
CA ARG B 190 -10.11 -1.38 -23.62
C ARG B 190 -9.83 -0.49 -24.82
N THR B 191 -10.06 -1.04 -26.00
CA THR B 191 -9.85 -0.30 -27.25
C THR B 191 -11.18 0.35 -27.61
N HIS B 192 -11.22 1.67 -27.68
CA HIS B 192 -12.48 2.33 -28.02
C HIS B 192 -12.99 1.79 -29.36
N PRO B 193 -14.26 1.36 -29.40
CA PRO B 193 -14.93 0.82 -30.59
C PRO B 193 -14.95 1.75 -31.80
N VAL B 194 -14.91 3.06 -31.54
CA VAL B 194 -14.95 4.06 -32.61
C VAL B 194 -13.61 4.75 -32.87
N SER B 195 -13.07 5.41 -31.86
CA SER B 195 -11.81 6.13 -32.01
C SER B 195 -10.62 5.19 -32.07
N GLY B 196 -10.77 4.00 -31.52
CA GLY B 196 -9.67 3.05 -31.51
C GLY B 196 -8.64 3.41 -30.45
N LYS B 197 -8.95 4.42 -29.63
CA LYS B 197 -8.05 4.86 -28.58
C LYS B 197 -8.01 3.83 -27.46
N GLN B 198 -6.82 3.60 -26.91
CA GLN B 198 -6.68 2.63 -25.82
C GLN B 198 -7.00 3.33 -24.51
N ALA B 199 -7.78 2.68 -23.65
CA ALA B 199 -8.13 3.27 -22.37
C ALA B 199 -8.18 2.26 -21.24
N LEU B 200 -7.80 2.69 -20.05
CA LEU B 200 -7.86 1.81 -18.89
C LEU B 200 -9.33 1.49 -18.68
N PHE B 201 -9.65 0.23 -18.42
CA PHE B 201 -11.04 -0.12 -18.24
C PHE B 201 -11.37 -0.95 -17.01
N VAL B 202 -10.99 -0.43 -15.85
CA VAL B 202 -11.33 -1.09 -14.59
C VAL B 202 -11.90 0.06 -13.79
N ASN B 203 -12.71 -0.25 -12.79
CA ASN B 203 -13.28 0.80 -11.96
C ASN B 203 -13.50 0.15 -10.62
N GLU B 204 -13.26 0.93 -9.57
CA GLU B 204 -13.42 0.43 -8.22
C GLU B 204 -14.86 0.04 -7.90
N GLY B 205 -15.80 0.66 -8.59
CA GLY B 205 -17.20 0.34 -8.34
C GLY B 205 -17.53 -1.13 -8.56
N PHE B 206 -17.00 -1.71 -9.63
CA PHE B 206 -17.31 -3.10 -9.97
C PHE B 206 -16.14 -4.07 -10.13
N THR B 207 -14.95 -3.57 -10.48
CA THR B 207 -13.81 -4.44 -10.67
C THR B 207 -13.37 -5.03 -9.33
N THR B 208 -13.39 -6.36 -9.24
CA THR B 208 -13.03 -7.06 -8.02
C THR B 208 -11.60 -7.56 -8.01
N ARG B 209 -11.11 -7.99 -9.17
CA ARG B 209 -9.75 -8.49 -9.26
C ARG B 209 -9.34 -8.79 -10.70
N ILE B 210 -8.03 -8.85 -10.92
CA ILE B 210 -7.46 -9.16 -12.22
C ILE B 210 -7.17 -10.66 -12.16
N VAL B 211 -7.76 -11.42 -13.08
CA VAL B 211 -7.63 -12.87 -13.07
C VAL B 211 -6.40 -13.48 -13.75
N ASP B 212 -5.69 -12.71 -14.55
CA ASP B 212 -4.55 -13.27 -15.25
C ASP B 212 -3.21 -13.18 -14.49
N VAL B 213 -3.30 -12.86 -13.20
CA VAL B 213 -2.11 -12.75 -12.36
C VAL B 213 -2.43 -13.38 -11.01
N SER B 214 -1.46 -13.42 -10.10
CA SER B 214 -1.70 -13.99 -8.80
C SER B 214 -2.57 -13.03 -7.99
N GLU B 215 -3.13 -13.53 -6.90
CA GLU B 215 -3.98 -12.73 -6.03
C GLU B 215 -3.24 -11.50 -5.51
N LYS B 216 -2.04 -11.70 -4.99
CA LYS B 216 -1.26 -10.57 -4.48
C LYS B 216 -0.87 -9.63 -5.62
N GLU B 217 -0.58 -10.18 -6.79
CA GLU B 217 -0.23 -9.35 -7.92
C GLU B 217 -1.46 -8.51 -8.32
N SER B 218 -2.64 -9.12 -8.26
CA SER B 218 -3.86 -8.43 -8.61
C SER B 218 -4.14 -7.27 -7.65
N GLU B 219 -4.03 -7.54 -6.36
CA GLU B 219 -4.29 -6.52 -5.37
C GLU B 219 -3.30 -5.38 -5.53
N ALA B 220 -2.08 -5.70 -5.91
CA ALA B 220 -1.08 -4.67 -6.09
C ALA B 220 -1.38 -3.83 -7.34
N LEU B 221 -1.81 -4.50 -8.40
CA LEU B 221 -2.12 -3.79 -9.64
C LEU B 221 -3.35 -2.91 -9.48
N LEU B 222 -4.40 -3.46 -8.89
CA LEU B 222 -5.63 -2.70 -8.68
C LEU B 222 -5.40 -1.58 -7.67
N SER B 223 -4.56 -1.86 -6.68
CA SER B 223 -4.27 -0.85 -5.69
C SER B 223 -3.69 0.35 -6.39
N PHE B 224 -2.80 0.10 -7.33
CA PHE B 224 -2.19 1.16 -8.11
C PHE B 224 -3.23 1.82 -9.02
N LEU B 225 -3.90 0.99 -9.81
CA LEU B 225 -4.90 1.50 -10.76
C LEU B 225 -6.02 2.30 -10.10
N PHE B 226 -6.52 1.83 -8.95
CA PHE B 226 -7.59 2.56 -8.27
C PHE B 226 -7.13 3.92 -7.78
N ALA B 227 -5.81 4.10 -7.62
CA ALA B 227 -5.29 5.38 -7.17
C ALA B 227 -4.89 6.22 -8.37
N HIS B 228 -4.28 5.56 -9.35
CA HIS B 228 -3.82 6.21 -10.58
C HIS B 228 -4.91 7.05 -11.23
N ILE B 229 -6.09 6.46 -11.37
CA ILE B 229 -7.20 7.16 -12.01
C ILE B 229 -7.69 8.39 -11.27
N THR B 230 -7.26 8.56 -10.01
CA THR B 230 -7.68 9.71 -9.23
C THR B 230 -6.79 10.92 -9.46
N LYS B 231 -5.77 10.77 -10.31
CA LYS B 231 -4.88 11.90 -10.56
C LYS B 231 -5.70 13.08 -11.08
N PRO B 232 -5.49 14.28 -10.52
CA PRO B 232 -6.24 15.46 -10.94
C PRO B 232 -6.23 15.82 -12.43
N GLU B 233 -5.13 15.62 -13.14
CA GLU B 233 -5.15 15.97 -14.55
C GLU B 233 -5.94 15.02 -15.45
N PHE B 234 -6.39 13.88 -14.91
CA PHE B 234 -7.19 12.95 -15.72
C PHE B 234 -8.67 13.27 -15.55
N GLN B 235 -8.97 14.28 -14.75
CA GLN B 235 -10.36 14.60 -14.45
C GLN B 235 -10.91 15.96 -14.83
N VAL B 236 -12.22 16.08 -14.66
CA VAL B 236 -12.97 17.31 -14.86
C VAL B 236 -14.01 17.23 -13.76
N ARG B 237 -14.23 18.34 -13.06
CA ARG B 237 -15.18 18.36 -11.95
C ARG B 237 -16.34 19.30 -12.26
N TRP B 238 -17.56 18.82 -12.04
CA TRP B 238 -18.72 19.62 -12.36
C TRP B 238 -19.58 20.03 -11.17
N ARG B 239 -19.83 21.33 -11.06
N ARG B 239 -19.82 21.33 -11.05
CA ARG B 239 -20.66 21.87 -9.99
CA ARG B 239 -20.66 21.86 -9.97
C ARG B 239 -22.04 22.06 -10.58
C ARG B 239 -22.04 22.07 -10.56
N TRP B 240 -22.96 21.17 -10.20
CA TRP B 240 -24.32 21.22 -10.71
C TRP B 240 -25.17 22.47 -10.52
N GLN B 241 -26.14 22.61 -11.42
N GLN B 241 -26.14 22.63 -11.42
CA GLN B 241 -27.07 23.74 -11.44
CA GLN B 241 -27.08 23.74 -11.38
C GLN B 241 -28.36 23.18 -12.03
C GLN B 241 -28.36 23.17 -12.00
N PRO B 242 -29.51 23.56 -11.46
CA PRO B 242 -30.79 23.06 -11.99
C PRO B 242 -30.85 23.03 -13.51
N ASN B 243 -31.28 21.89 -14.05
CA ASN B 243 -31.43 21.69 -15.47
C ASN B 243 -30.14 21.51 -16.26
N ASP B 244 -29.06 21.12 -15.58
CA ASP B 244 -27.81 20.87 -16.27
C ASP B 244 -28.00 19.55 -17.00
N ILE B 245 -27.16 19.31 -17.99
CA ILE B 245 -27.20 18.06 -18.75
C ILE B 245 -25.78 17.55 -18.94
N ALA B 246 -25.53 16.32 -18.49
CA ALA B 246 -24.21 15.73 -18.64
C ALA B 246 -24.30 14.50 -19.54
N ILE B 247 -23.45 14.44 -20.54
CA ILE B 247 -23.44 13.31 -21.45
C ILE B 247 -22.01 12.80 -21.50
N TRP B 248 -21.82 11.52 -21.25
CA TRP B 248 -20.48 10.96 -21.24
C TRP B 248 -20.34 9.60 -21.90
N ASP B 249 -19.13 9.34 -22.38
CA ASP B 249 -18.79 8.09 -23.03
C ASP B 249 -18.40 7.15 -21.89
N ASN B 250 -19.28 6.19 -21.59
CA ASN B 250 -19.06 5.25 -20.50
C ASN B 250 -18.09 4.13 -20.85
N ARG B 251 -17.48 4.20 -22.03
CA ARG B 251 -16.54 3.19 -22.47
C ARG B 251 -15.09 3.52 -22.10
N VAL B 252 -14.83 4.78 -21.77
CA VAL B 252 -13.48 5.20 -21.45
C VAL B 252 -13.36 6.15 -20.28
N THR B 253 -14.35 6.16 -19.40
CA THR B 253 -14.31 7.04 -18.25
C THR B 253 -14.96 6.37 -17.04
N GLN B 254 -14.77 6.98 -15.89
CA GLN B 254 -15.36 6.53 -14.64
C GLN B 254 -15.82 7.85 -14.07
N HIS B 255 -16.78 7.82 -13.15
CA HIS B 255 -17.19 9.07 -12.52
C HIS B 255 -17.43 8.83 -11.05
N TYR B 256 -17.52 9.94 -10.32
CA TYR B 256 -17.68 9.90 -8.87
C TYR B 256 -18.60 11.06 -8.48
N ALA B 257 -19.63 10.77 -7.69
CA ALA B 257 -20.56 11.81 -7.27
C ALA B 257 -20.42 12.08 -5.78
N ASN B 258 -20.02 13.30 -5.43
CA ASN B 258 -19.84 13.69 -4.03
C ASN B 258 -21.07 13.46 -3.15
N ALA B 259 -20.84 12.85 -1.99
CA ALA B 259 -21.91 12.59 -1.02
C ALA B 259 -21.63 13.53 0.14
N ASP B 260 -21.95 14.81 -0.05
CA ASP B 260 -21.68 15.83 0.95
C ASP B 260 -22.84 16.81 1.10
N TYR B 261 -24.08 16.35 0.86
CA TYR B 261 -25.21 17.25 0.95
C TYR B 261 -26.37 16.84 1.85
N LEU B 262 -26.38 15.60 2.34
CA LEU B 262 -27.46 15.18 3.23
C LEU B 262 -27.47 16.12 4.42
N PRO B 263 -28.64 16.38 5.01
CA PRO B 263 -29.97 15.87 4.68
C PRO B 263 -30.64 16.49 3.46
N GLN B 264 -29.98 17.44 2.80
CA GLN B 264 -30.60 18.06 1.62
C GLN B 264 -30.93 17.00 0.58
N ARG B 265 -31.97 17.24 -0.21
CA ARG B 265 -32.42 16.29 -1.22
C ARG B 265 -31.82 16.56 -2.60
N ARG B 266 -31.64 15.50 -3.38
CA ARG B 266 -31.06 15.62 -4.72
C ARG B 266 -31.72 14.65 -5.69
N ILE B 267 -32.19 15.17 -6.81
CA ILE B 267 -32.86 14.32 -7.80
C ILE B 267 -32.23 14.45 -9.17
N MET B 268 -31.79 13.30 -9.69
CA MET B 268 -31.17 13.22 -11.00
C MET B 268 -31.88 12.16 -11.83
N HIS B 269 -32.05 12.43 -13.12
CA HIS B 269 -32.68 11.48 -14.01
C HIS B 269 -31.61 11.04 -15.00
N ARG B 270 -31.50 9.74 -15.24
CA ARG B 270 -30.48 9.27 -16.17
C ARG B 270 -30.98 8.35 -17.26
N ALA B 271 -30.47 8.58 -18.47
CA ALA B 271 -30.79 7.78 -19.64
C ALA B 271 -29.50 7.01 -19.92
N THR B 272 -29.60 5.70 -20.04
CA THR B 272 -28.42 4.88 -20.28
C THR B 272 -28.43 4.25 -21.68
N ILE B 273 -27.37 4.49 -22.43
CA ILE B 273 -27.21 4.01 -23.80
C ILE B 273 -26.38 2.74 -23.94
N LEU B 274 -26.97 1.70 -24.53
CA LEU B 274 -26.27 0.43 -24.74
C LEU B 274 -25.02 0.57 -25.58
N GLY B 275 -24.02 -0.26 -25.29
CA GLY B 275 -22.78 -0.27 -26.03
C GLY B 275 -22.53 -1.69 -26.48
N ASP B 276 -21.40 -1.94 -27.14
CA ASP B 276 -21.09 -3.29 -27.58
C ASP B 276 -20.16 -4.01 -26.62
N LYS B 277 -19.60 -5.14 -27.05
CA LYS B 277 -18.71 -5.91 -26.21
C LYS B 277 -17.35 -5.23 -26.10
N PRO B 278 -16.93 -4.94 -24.86
CA PRO B 278 -15.62 -4.30 -24.64
C PRO B 278 -14.54 -5.23 -25.15
N PHE B 279 -13.58 -4.70 -25.91
CA PHE B 279 -12.51 -5.53 -26.44
C PHE B 279 -11.19 -4.79 -26.48
N TYR B 280 -10.11 -5.54 -26.59
CA TYR B 280 -8.79 -4.96 -26.69
C TYR B 280 -8.16 -5.41 -28.00
N ARG B 281 -7.64 -4.46 -28.76
CA ARG B 281 -6.99 -4.76 -30.03
C ARG B 281 -5.74 -3.91 -30.17
N ALA B 282 -4.60 -4.57 -30.30
CA ALA B 282 -3.32 -3.87 -30.44
C ALA B 282 -3.28 -3.03 -31.72
N GLU C 3 37.14 -37.51 2.00
CA GLU C 3 35.80 -38.16 1.93
C GLU C 3 34.79 -37.26 1.23
N ARG C 4 33.61 -37.82 0.96
CA ARG C 4 32.53 -37.08 0.30
C ARG C 4 31.76 -36.24 1.33
N LEU C 5 31.44 -35.01 0.96
CA LEU C 5 30.69 -34.15 1.87
C LEU C 5 29.23 -34.61 1.82
N SER C 6 28.53 -34.44 2.93
CA SER C 6 27.12 -34.82 2.98
C SER C 6 26.33 -33.52 2.89
N ILE C 7 25.51 -33.41 1.84
CA ILE C 7 24.71 -32.21 1.63
C ILE C 7 23.25 -32.51 1.94
N THR C 8 22.72 -31.87 2.98
CA THR C 8 21.34 -32.09 3.38
C THR C 8 20.51 -30.84 3.06
N PRO C 9 19.63 -30.93 2.05
CA PRO C 9 18.80 -29.78 1.69
C PRO C 9 17.92 -29.38 2.89
N LEU C 10 17.71 -28.09 3.07
CA LEU C 10 16.90 -27.60 4.17
C LEU C 10 15.53 -27.18 3.66
N GLY C 11 15.35 -27.25 2.36
CA GLY C 11 14.09 -26.88 1.74
C GLY C 11 14.16 -27.19 0.27
N PRO C 12 13.04 -27.16 -0.46
CA PRO C 12 13.11 -27.47 -1.89
C PRO C 12 13.68 -26.34 -2.75
N TYR C 13 13.67 -25.12 -2.25
CA TYR C 13 14.18 -24.01 -3.05
C TYR C 13 15.46 -23.38 -2.59
N ILE C 14 15.73 -23.41 -1.29
CA ILE C 14 16.92 -22.78 -0.79
C ILE C 14 17.41 -23.32 0.53
N GLY C 15 18.73 -23.38 0.67
CA GLY C 15 19.33 -23.83 1.89
C GLY C 15 19.71 -25.29 1.95
N ALA C 16 20.88 -25.54 2.51
CA ALA C 16 21.39 -26.90 2.68
C ALA C 16 22.39 -26.85 3.81
N GLN C 17 22.52 -27.95 4.54
CA GLN C 17 23.48 -28.05 5.62
C GLN C 17 24.52 -29.05 5.16
N ILE C 18 25.79 -28.75 5.40
CA ILE C 18 26.87 -29.62 4.97
C ILE C 18 27.72 -30.12 6.13
N SER C 19 28.01 -31.42 6.12
CA SER C 19 28.85 -32.03 7.14
C SER C 19 29.91 -32.87 6.42
N GLY C 20 30.99 -33.16 7.13
CA GLY C 20 32.05 -33.96 6.53
C GLY C 20 33.18 -33.10 6.02
N ALA C 21 33.04 -31.79 6.18
CA ALA C 21 34.06 -30.84 5.74
C ALA C 21 34.78 -30.27 6.94
N ASP C 22 36.09 -30.16 6.84
CA ASP C 22 36.90 -29.58 7.92
C ASP C 22 37.54 -28.31 7.38
N LEU C 23 36.85 -27.20 7.55
CA LEU C 23 37.33 -25.92 7.07
C LEU C 23 38.56 -25.40 7.80
N THR C 24 39.08 -26.19 8.74
CA THR C 24 40.28 -25.78 9.47
C THR C 24 41.50 -26.17 8.64
N ARG C 25 41.28 -27.11 7.72
CA ARG C 25 42.33 -27.59 6.83
C ARG C 25 41.93 -27.29 5.39
N PRO C 26 42.83 -27.53 4.43
CA PRO C 26 42.49 -27.26 3.03
C PRO C 26 41.56 -28.35 2.52
N LEU C 27 40.52 -27.95 1.81
CA LEU C 27 39.60 -28.93 1.26
C LEU C 27 40.23 -29.55 0.04
N SER C 28 39.92 -30.82 -0.22
CA SER C 28 40.44 -31.49 -1.39
C SER C 28 39.74 -30.82 -2.56
N ASP C 29 40.24 -31.02 -3.78
CA ASP C 29 39.61 -30.41 -4.92
C ASP C 29 38.18 -30.92 -5.08
N ASN C 30 37.99 -32.22 -4.85
CA ASN C 30 36.68 -32.85 -4.93
C ASN C 30 35.72 -32.27 -3.89
N GLN C 31 36.21 -32.08 -2.68
CA GLN C 31 35.37 -31.53 -1.61
C GLN C 31 34.97 -30.11 -1.95
N PHE C 32 35.94 -29.32 -2.41
CA PHE C 32 35.66 -27.94 -2.75
C PHE C 32 34.65 -27.81 -3.88
N GLU C 33 34.74 -28.68 -4.89
CA GLU C 33 33.79 -28.63 -5.99
C GLU C 33 32.40 -28.94 -5.46
N GLN C 34 32.34 -29.85 -4.49
CA GLN C 34 31.06 -30.21 -3.89
C GLN C 34 30.51 -28.98 -3.19
N LEU C 35 31.36 -28.34 -2.40
CA LEU C 35 30.96 -27.16 -1.65
C LEU C 35 30.48 -26.07 -2.60
N TYR C 36 31.31 -25.75 -3.58
CA TYR C 36 31.00 -24.72 -4.55
C TYR C 36 29.69 -25.02 -5.26
N HIS C 37 29.52 -26.25 -5.72
CA HIS C 37 28.30 -26.62 -6.41
C HIS C 37 27.10 -26.57 -5.47
N ALA C 38 27.31 -26.94 -4.21
CA ALA C 38 26.23 -26.92 -3.22
C ALA C 38 25.78 -25.46 -3.05
N VAL C 39 26.75 -24.56 -2.98
CA VAL C 39 26.42 -23.15 -2.84
C VAL C 39 25.62 -22.67 -4.04
N LEU C 40 26.03 -23.04 -5.24
CA LEU C 40 25.30 -22.62 -6.45
C LEU C 40 23.88 -23.14 -6.46
N ARG C 41 23.74 -24.42 -6.14
CA ARG C 41 22.44 -25.05 -6.14
C ARG C 41 21.53 -24.58 -5.01
N HIS C 42 22.04 -24.60 -3.78
CA HIS C 42 21.24 -24.23 -2.63
C HIS C 42 21.27 -22.77 -2.21
N GLN C 43 22.11 -21.98 -2.86
CA GLN C 43 22.22 -20.54 -2.62
C GLN C 43 22.83 -20.13 -1.30
N VAL C 44 22.58 -20.90 -0.26
CA VAL C 44 23.21 -20.65 1.02
C VAL C 44 23.40 -22.01 1.68
N VAL C 45 24.60 -22.28 2.17
CA VAL C 45 24.87 -23.55 2.83
C VAL C 45 25.37 -23.23 4.21
N PHE C 46 25.19 -24.18 5.12
CA PHE C 46 25.60 -23.99 6.49
C PHE C 46 26.45 -25.17 6.92
N LEU C 47 27.50 -24.88 7.67
CA LEU C 47 28.38 -25.92 8.18
C LEU C 47 28.59 -25.58 9.64
N ARG C 48 28.22 -26.51 10.52
CA ARG C 48 28.37 -26.30 11.95
C ARG C 48 29.68 -26.88 12.46
N ASP C 49 30.10 -26.41 13.62
CA ASP C 49 31.32 -26.89 14.27
C ASP C 49 32.57 -26.68 13.43
N GLN C 50 32.78 -25.45 12.99
CA GLN C 50 33.95 -25.13 12.19
C GLN C 50 34.68 -24.00 12.88
N ALA C 51 35.44 -24.35 13.93
CA ALA C 51 36.19 -23.37 14.69
C ALA C 51 37.41 -22.93 13.90
N ILE C 52 37.21 -22.03 12.94
CA ILE C 52 38.31 -21.57 12.11
C ILE C 52 38.78 -20.17 12.48
N THR C 53 40.06 -19.92 12.21
CA THR C 53 40.67 -18.62 12.48
C THR C 53 40.32 -17.69 11.33
N PRO C 54 40.58 -16.39 11.48
CA PRO C 54 40.28 -15.44 10.41
C PRO C 54 41.09 -15.70 9.14
N GLN C 55 42.29 -16.25 9.33
N GLN C 55 42.30 -16.26 9.32
CA GLN C 55 43.18 -16.57 8.21
CA GLN C 55 43.15 -16.55 8.17
C GLN C 55 42.69 -17.78 7.43
C GLN C 55 42.66 -17.78 7.42
N GLN C 56 42.21 -18.79 8.15
CA GLN C 56 41.70 -20.01 7.53
C GLN C 56 40.42 -19.68 6.79
N GLN C 57 39.69 -18.67 7.27
CA GLN C 57 38.45 -18.26 6.64
C GLN C 57 38.79 -17.55 5.34
N ARG C 58 39.88 -16.78 5.38
CA ARG C 58 40.35 -16.07 4.20
C ARG C 58 40.78 -17.10 3.17
N ALA C 59 41.53 -18.09 3.63
CA ALA C 59 42.03 -19.15 2.76
C ALA C 59 40.89 -19.75 1.97
N LEU C 60 39.85 -20.18 2.67
CA LEU C 60 38.70 -20.78 2.02
C LEU C 60 38.01 -19.84 1.04
N ALA C 61 37.86 -18.58 1.41
CA ALA C 61 37.19 -17.60 0.55
C ALA C 61 37.95 -17.23 -0.72
N GLN C 62 39.26 -17.04 -0.61
CA GLN C 62 40.07 -16.67 -1.77
C GLN C 62 39.95 -17.71 -2.87
N ARG C 63 39.59 -18.92 -2.48
CA ARG C 63 39.43 -20.00 -3.44
C ARG C 63 38.29 -19.63 -4.40
N PHE C 64 37.24 -19.03 -3.86
CA PHE C 64 36.08 -18.62 -4.66
C PHE C 64 36.37 -17.42 -5.56
N GLY C 65 37.39 -16.65 -5.20
CA GLY C 65 37.72 -15.50 -6.01
C GLY C 65 38.34 -14.42 -5.13
N GLU C 66 38.57 -13.25 -5.70
CA GLU C 66 39.16 -12.16 -4.95
C GLU C 66 38.17 -11.58 -3.95
N LEU C 67 38.69 -11.24 -2.78
CA LEU C 67 37.87 -10.69 -1.71
C LEU C 67 37.72 -9.18 -1.78
N HIS C 68 36.46 -8.73 -1.89
CA HIS C 68 36.12 -7.31 -1.95
C HIS C 68 36.23 -6.72 -0.55
N ILE C 69 36.61 -5.44 -0.47
CA ILE C 69 36.75 -4.79 0.82
C ILE C 69 35.68 -3.71 1.00
N HIS C 70 34.91 -3.85 2.07
CA HIS C 70 33.81 -2.96 2.40
C HIS C 70 34.26 -1.51 2.67
N PRO C 71 33.51 -0.54 2.13
CA PRO C 71 33.80 0.90 2.28
C PRO C 71 33.49 1.46 3.66
N VAL C 72 32.70 0.72 4.45
CA VAL C 72 32.31 1.19 5.77
C VAL C 72 32.73 0.31 6.96
N TYR C 73 32.26 -0.93 7.00
CA TYR C 73 32.60 -1.83 8.10
C TYR C 73 34.10 -2.00 8.32
N PRO C 74 34.52 -2.22 9.58
CA PRO C 74 35.92 -2.40 9.97
C PRO C 74 36.34 -3.84 9.71
N HIS C 75 37.64 -4.10 9.80
CA HIS C 75 38.13 -5.46 9.56
C HIS C 75 38.78 -6.11 10.78
N ALA C 76 39.00 -7.42 10.69
CA ALA C 76 39.59 -8.17 11.78
C ALA C 76 41.06 -7.83 11.91
N GLU C 77 41.59 -7.99 13.12
CA GLU C 77 42.99 -7.69 13.36
C GLU C 77 43.83 -8.52 12.39
N GLY C 78 44.74 -7.87 11.67
CA GLY C 78 45.57 -8.57 10.72
C GLY C 78 44.96 -8.73 9.34
N VAL C 79 44.05 -9.69 9.22
CA VAL C 79 43.38 -9.98 7.95
C VAL C 79 42.46 -8.84 7.50
N ASP C 80 42.94 -8.05 6.54
CA ASP C 80 42.17 -6.91 6.02
C ASP C 80 40.87 -7.31 5.34
N GLU C 81 40.80 -8.54 4.85
CA GLU C 81 39.60 -9.02 4.14
C GLU C 81 38.44 -9.44 5.04
N ILE C 82 38.74 -10.00 6.20
CA ILE C 82 37.71 -10.44 7.13
C ILE C 82 37.11 -9.26 7.93
N ILE C 83 35.91 -8.84 7.57
CA ILE C 83 35.26 -7.74 8.28
C ILE C 83 34.63 -8.28 9.56
N VAL C 84 34.86 -7.57 10.66
CA VAL C 84 34.31 -7.98 11.96
C VAL C 84 33.01 -7.26 12.26
N LEU C 85 31.93 -8.02 12.42
CA LEU C 85 30.63 -7.45 12.75
C LEU C 85 30.33 -7.74 14.22
N ASP C 86 30.72 -6.81 15.06
CA ASP C 86 30.51 -6.91 16.50
C ASP C 86 29.40 -5.96 16.93
N THR C 87 28.24 -6.52 17.26
CA THR C 87 27.10 -5.70 17.64
C THR C 87 26.78 -5.76 19.14
N HIS C 88 26.24 -4.65 19.64
CA HIS C 88 25.88 -4.50 21.05
C HIS C 88 25.19 -3.14 21.24
N ASN C 89 24.98 -2.75 22.49
CA ASN C 89 24.32 -1.47 22.76
C ASN C 89 25.01 -0.31 22.04
N ASP C 90 26.33 -0.29 22.10
CA ASP C 90 27.12 0.77 21.49
C ASP C 90 27.25 0.66 19.97
N ASN C 91 26.92 -0.52 19.44
CA ASN C 91 26.95 -0.74 18.01
C ASN C 91 25.77 -1.63 17.66
N PRO C 92 24.56 -1.04 17.67
CA PRO C 92 23.30 -1.71 17.36
C PRO C 92 23.26 -2.38 16.00
N PRO C 93 22.63 -3.57 15.93
CA PRO C 93 22.50 -4.34 14.69
C PRO C 93 21.70 -3.53 13.68
N ASP C 94 22.19 -3.44 12.44
CA ASP C 94 21.48 -2.68 11.42
C ASP C 94 21.20 -3.55 10.20
N ASN C 95 21.24 -4.87 10.39
CA ASN C 95 21.00 -5.78 9.27
C ASN C 95 19.63 -6.46 9.31
N ASP C 96 18.72 -5.90 10.11
CA ASP C 96 17.37 -6.44 10.21
C ASP C 96 16.50 -5.75 9.18
N ASN C 97 16.81 -6.06 7.92
CA ASN C 97 16.08 -5.53 6.78
C ASN C 97 16.53 -6.42 5.64
N TRP C 98 15.66 -6.63 4.67
CA TRP C 98 16.02 -7.49 3.56
C TRP C 98 16.98 -6.82 2.60
N HIS C 99 18.19 -7.39 2.52
CA HIS C 99 19.17 -6.81 1.64
C HIS C 99 20.06 -7.83 0.95
N THR C 100 20.65 -7.37 -0.14
CA THR C 100 21.59 -8.17 -0.91
C THR C 100 22.86 -7.36 -0.69
N ASP C 101 23.95 -8.04 -0.34
CA ASP C 101 25.20 -7.35 -0.03
C ASP C 101 25.79 -6.42 -1.07
N VAL C 102 26.01 -5.18 -0.66
CA VAL C 102 26.62 -4.15 -1.49
C VAL C 102 26.18 -4.23 -2.95
N THR C 103 24.92 -3.89 -3.20
CA THR C 103 24.40 -3.91 -4.57
C THR C 103 24.52 -2.50 -5.14
N PHE C 104 24.97 -1.58 -4.28
CA PHE C 104 25.13 -0.18 -4.67
C PHE C 104 26.39 0.10 -5.47
N ILE C 105 27.11 -0.95 -5.84
CA ILE C 105 28.33 -0.80 -6.65
C ILE C 105 28.16 -1.61 -7.92
N GLU C 106 28.91 -1.24 -8.96
CA GLU C 106 28.83 -1.90 -10.25
C GLU C 106 29.04 -3.40 -10.18
N THR C 107 29.92 -3.82 -9.29
CA THR C 107 30.22 -5.22 -9.12
C THR C 107 29.92 -5.63 -7.68
N PRO C 108 28.67 -6.01 -7.42
CA PRO C 108 28.29 -6.43 -6.06
C PRO C 108 28.95 -7.76 -5.73
N PRO C 109 29.20 -8.01 -4.44
CA PRO C 109 29.83 -9.28 -4.05
C PRO C 109 29.08 -10.48 -4.65
N ALA C 110 29.83 -11.52 -5.04
CA ALA C 110 29.21 -12.71 -5.60
C ALA C 110 28.69 -13.59 -4.46
N GLY C 111 29.26 -13.38 -3.28
CA GLY C 111 28.86 -14.18 -2.13
C GLY C 111 29.72 -13.83 -0.94
N ALA C 112 29.52 -14.55 0.16
CA ALA C 112 30.30 -14.31 1.37
C ALA C 112 30.36 -15.55 2.22
N ILE C 113 31.30 -15.55 3.16
CA ILE C 113 31.48 -16.63 4.09
C ILE C 113 31.40 -15.96 5.45
N LEU C 114 30.38 -16.33 6.20
CA LEU C 114 30.15 -15.75 7.51
C LEU C 114 30.40 -16.79 8.58
N ALA C 115 31.23 -16.43 9.56
CA ALA C 115 31.56 -17.31 10.66
C ALA C 115 31.00 -16.71 11.94
N ALA C 116 30.48 -17.58 12.81
CA ALA C 116 29.89 -17.15 14.07
C ALA C 116 30.91 -17.34 15.19
N LYS C 117 31.44 -16.23 15.69
CA LYS C 117 32.45 -16.27 16.75
C LYS C 117 31.81 -16.27 18.14
N GLU C 118 31.08 -15.20 18.45
CA GLU C 118 30.39 -15.07 19.73
C GLU C 118 28.93 -14.73 19.51
N LEU C 119 28.05 -15.51 20.12
CA LEU C 119 26.61 -15.34 19.97
C LEU C 119 25.85 -15.12 21.27
N PRO C 120 24.69 -14.46 21.18
CA PRO C 120 23.86 -14.21 22.37
C PRO C 120 23.26 -15.55 22.77
N SER C 121 22.67 -15.62 23.95
CA SER C 121 22.06 -16.85 24.44
C SER C 121 21.05 -17.39 23.42
N THR C 122 20.27 -16.48 22.84
CA THR C 122 19.27 -16.84 21.85
C THR C 122 19.06 -15.62 20.97
N GLY C 123 18.33 -15.78 19.87
CA GLY C 123 18.10 -14.65 18.99
C GLY C 123 19.20 -14.49 17.97
N GLY C 124 19.07 -13.47 17.12
CA GLY C 124 20.07 -13.21 16.11
C GLY C 124 20.00 -14.12 14.89
N ASP C 125 18.87 -14.81 14.71
CA ASP C 125 18.70 -15.72 13.58
C ASP C 125 18.93 -14.93 12.29
N THR C 126 19.38 -15.62 11.24
CA THR C 126 19.56 -14.97 9.96
C THR C 126 18.77 -15.74 8.92
N LEU C 127 18.09 -15.00 8.06
CA LEU C 127 17.26 -15.60 7.03
C LEU C 127 17.74 -15.20 5.64
N TRP C 128 17.57 -16.11 4.71
CA TRP C 128 17.96 -15.87 3.33
C TRP C 128 16.72 -16.12 2.49
N THR C 129 16.52 -15.30 1.47
CA THR C 129 15.38 -15.51 0.61
C THR C 129 15.90 -15.67 -0.81
N SER C 130 15.30 -16.60 -1.54
CA SER C 130 15.72 -16.91 -2.90
C SER C 130 15.14 -16.03 -3.99
N GLY C 131 16.02 -15.33 -4.70
CA GLY C 131 15.57 -14.48 -5.78
C GLY C 131 15.10 -15.33 -6.94
N ILE C 132 15.63 -16.55 -7.02
CA ILE C 132 15.25 -17.47 -8.09
C ILE C 132 13.84 -18.00 -7.85
N ALA C 133 13.59 -18.49 -6.65
CA ALA C 133 12.27 -19.02 -6.31
C ALA C 133 11.23 -17.90 -6.40
N ALA C 134 11.61 -16.71 -5.93
CA ALA C 134 10.70 -15.56 -5.94
C ALA C 134 10.33 -15.19 -7.37
N TYR C 135 11.32 -15.22 -8.27
CA TYR C 135 11.04 -14.89 -9.67
C TYR C 135 10.15 -15.94 -10.30
N GLU C 136 10.45 -17.20 -10.04
CA GLU C 136 9.67 -18.30 -10.59
C GLU C 136 8.22 -18.25 -10.13
N ALA C 137 8.00 -17.77 -8.91
CA ALA C 137 6.65 -17.69 -8.36
C ALA C 137 5.80 -16.59 -9.01
N LEU C 138 6.45 -15.71 -9.76
CA LEU C 138 5.73 -14.62 -10.44
C LEU C 138 4.92 -15.18 -11.61
N SER C 139 3.76 -14.59 -11.87
CA SER C 139 2.94 -15.02 -12.99
C SER C 139 3.71 -14.62 -14.24
N VAL C 140 3.38 -15.22 -15.38
CA VAL C 140 4.08 -14.88 -16.62
C VAL C 140 4.01 -13.39 -16.95
N PRO C 141 2.84 -12.75 -16.80
CA PRO C 141 2.78 -11.33 -17.11
C PRO C 141 3.78 -10.51 -16.28
N PHE C 142 3.95 -10.88 -15.01
CA PHE C 142 4.87 -10.18 -14.13
C PHE C 142 6.33 -10.47 -14.48
N ARG C 143 6.61 -11.69 -14.90
CA ARG C 143 7.97 -12.04 -15.30
C ARG C 143 8.36 -11.20 -16.51
N GLN C 144 7.45 -11.12 -17.48
CA GLN C 144 7.71 -10.36 -18.70
C GLN C 144 7.89 -8.88 -18.38
N LEU C 145 7.09 -8.38 -17.44
CA LEU C 145 7.16 -6.98 -17.05
C LEU C 145 8.50 -6.62 -16.43
N LEU C 146 8.91 -7.40 -15.44
CA LEU C 146 10.14 -7.13 -14.71
C LEU C 146 11.42 -7.45 -15.45
N SER C 147 11.38 -8.44 -16.33
CA SER C 147 12.58 -8.81 -17.07
C SER C 147 12.96 -7.70 -18.04
N GLY C 148 14.18 -7.21 -17.90
CA GLY C 148 14.66 -6.16 -18.78
C GLY C 148 14.68 -4.82 -18.09
N LEU C 149 13.84 -4.65 -17.07
CA LEU C 149 13.79 -3.39 -16.34
C LEU C 149 15.05 -3.21 -15.50
N ARG C 150 15.34 -1.96 -15.15
CA ARG C 150 16.51 -1.64 -14.35
C ARG C 150 16.06 -0.88 -13.12
N ALA C 151 16.76 -1.11 -12.02
CA ALA C 151 16.43 -0.43 -10.78
C ALA C 151 17.65 0.28 -10.27
N GLU C 152 17.43 1.41 -9.63
CA GLU C 152 18.51 2.20 -9.07
C GLU C 152 18.81 1.72 -7.65
N HIS C 153 20.08 1.55 -7.34
CA HIS C 153 20.51 1.13 -6.03
C HIS C 153 21.32 2.26 -5.41
N ASP C 154 20.93 2.67 -4.21
CA ASP C 154 21.58 3.77 -3.52
C ASP C 154 22.31 3.31 -2.27
N PHE C 155 23.63 3.39 -2.28
CA PHE C 155 24.43 3.01 -1.13
C PHE C 155 23.83 3.67 0.11
N ARG C 156 23.35 4.88 -0.08
CA ARG C 156 22.76 5.68 0.98
C ARG C 156 21.40 5.26 1.51
N LYS C 157 20.83 4.18 0.99
CA LYS C 157 19.53 3.77 1.50
C LYS C 157 19.70 2.98 2.80
N SER C 158 20.79 2.24 2.89
CA SER C 158 21.07 1.45 4.09
C SER C 158 22.25 2.00 4.88
N PHE C 159 22.84 3.08 4.37
CA PHE C 159 23.95 3.75 5.04
C PHE C 159 23.67 5.24 4.95
N PRO C 160 22.53 5.69 5.50
CA PRO C 160 22.17 7.12 5.48
C PRO C 160 23.19 7.95 6.25
N GLU C 161 23.46 9.16 5.77
CA GLU C 161 24.43 10.03 6.43
C GLU C 161 24.06 10.40 7.87
N TYR C 162 22.77 10.63 8.12
CA TYR C 162 22.32 11.00 9.47
C TYR C 162 22.83 9.97 10.46
N LYS C 163 23.30 8.84 9.93
CA LYS C 163 23.82 7.75 10.74
C LYS C 163 25.33 7.80 10.81
N TYR C 164 25.94 8.55 9.90
CA TYR C 164 27.40 8.67 9.85
C TYR C 164 27.87 10.11 9.92
N ARG C 165 27.06 10.97 10.54
CA ARG C 165 27.40 12.37 10.69
C ARG C 165 27.97 12.50 12.11
N LYS C 166 27.26 13.19 12.98
CA LYS C 166 27.68 13.34 14.37
C LYS C 166 29.06 14.01 14.46
N THR C 167 30.09 13.26 14.07
CA THR C 167 31.47 13.75 14.10
C THR C 167 31.78 14.54 12.84
N GLU C 168 32.77 15.42 12.94
CA GLU C 168 33.18 16.24 11.82
C GLU C 168 33.89 15.31 10.84
N GLU C 169 34.69 14.40 11.40
CA GLU C 169 35.43 13.42 10.60
C GLU C 169 34.44 12.57 9.82
N GLU C 170 33.56 11.90 10.56
CA GLU C 170 32.55 11.02 9.97
C GLU C 170 31.75 11.60 8.81
N HIS C 171 30.97 12.64 9.06
CA HIS C 171 30.16 13.24 8.01
C HIS C 171 30.94 13.44 6.72
N GLN C 172 32.13 14.00 6.83
CA GLN C 172 32.99 14.22 5.66
C GLN C 172 33.47 12.88 5.12
N ARG C 173 34.10 12.09 5.99
CA ARG C 173 34.61 10.77 5.61
C ARG C 173 33.50 9.89 5.04
N TRP C 174 32.25 10.20 5.40
CA TRP C 174 31.09 9.46 4.91
C TRP C 174 30.84 9.84 3.45
N ARG C 175 30.99 11.12 3.16
CA ARG C 175 30.79 11.64 1.81
C ARG C 175 31.77 10.97 0.86
N GLU C 176 33.01 10.81 1.32
CA GLU C 176 34.04 10.17 0.50
C GLU C 176 33.59 8.78 0.06
N ALA C 177 32.95 8.05 0.97
CA ALA C 177 32.45 6.72 0.65
C ALA C 177 31.36 6.87 -0.42
N VAL C 178 30.44 7.79 -0.15
CA VAL C 178 29.34 8.09 -1.08
C VAL C 178 29.91 8.38 -2.47
N ALA C 179 30.87 9.30 -2.52
CA ALA C 179 31.50 9.70 -3.77
C ALA C 179 32.07 8.51 -4.54
N LYS C 180 32.63 7.55 -3.81
CA LYS C 180 33.22 6.37 -4.44
C LYS C 180 32.13 5.32 -4.71
N ASN C 181 30.90 5.63 -4.30
CA ASN C 181 29.77 4.72 -4.48
C ASN C 181 28.45 5.47 -4.73
N PRO C 182 28.29 6.05 -5.93
CA PRO C 182 27.07 6.80 -6.25
C PRO C 182 25.96 5.88 -6.77
N PRO C 183 24.72 6.38 -6.83
CA PRO C 183 23.61 5.55 -7.32
C PRO C 183 23.91 4.97 -8.70
N LEU C 184 23.51 3.73 -8.92
CA LEU C 184 23.74 3.10 -10.21
C LEU C 184 22.56 2.20 -10.52
N LEU C 185 22.60 1.55 -11.68
CA LEU C 185 21.52 0.68 -12.09
C LEU C 185 21.90 -0.79 -12.19
N HIS C 186 20.95 -1.66 -11.87
CA HIS C 186 21.13 -3.11 -11.96
C HIS C 186 19.84 -3.70 -12.52
N PRO C 187 19.95 -4.82 -13.24
CA PRO C 187 18.76 -5.46 -13.82
C PRO C 187 17.81 -5.81 -12.67
N VAL C 188 16.52 -5.64 -12.88
CA VAL C 188 15.55 -5.97 -11.85
C VAL C 188 15.49 -7.49 -11.79
N VAL C 189 15.70 -8.11 -12.95
CA VAL C 189 15.74 -9.54 -13.07
C VAL C 189 17.16 -9.88 -13.52
N ARG C 190 17.93 -10.48 -12.63
CA ARG C 190 19.31 -10.84 -12.92
C ARG C 190 19.48 -12.28 -13.38
N THR C 191 20.29 -12.47 -14.41
CA THR C 191 20.57 -13.79 -14.95
C THR C 191 21.78 -14.28 -14.16
N HIS C 192 21.71 -15.48 -13.59
CA HIS C 192 22.86 -15.95 -12.82
C HIS C 192 24.01 -16.22 -13.80
N PRO C 193 25.19 -15.62 -13.56
CA PRO C 193 26.38 -15.76 -14.41
C PRO C 193 26.83 -17.19 -14.69
N VAL C 194 26.50 -18.12 -13.79
CA VAL C 194 26.91 -19.51 -13.96
C VAL C 194 25.78 -20.44 -14.37
N SER C 195 24.71 -20.44 -13.58
CA SER C 195 23.57 -21.30 -13.83
C SER C 195 22.65 -20.79 -14.92
N GLY C 196 22.70 -19.49 -15.20
CA GLY C 196 21.83 -18.92 -16.21
C GLY C 196 20.39 -18.82 -15.71
N LYS C 197 20.18 -19.09 -14.41
CA LYS C 197 18.83 -19.00 -13.85
C LYS C 197 18.45 -17.55 -13.59
N GLN C 198 17.21 -17.19 -13.93
CA GLN C 198 16.74 -15.82 -13.73
C GLN C 198 16.31 -15.62 -12.28
N ALA C 199 16.65 -14.46 -11.72
CA ALA C 199 16.30 -14.18 -10.33
C ALA C 199 15.95 -12.73 -10.10
N LEU C 200 15.05 -12.48 -9.16
CA LEU C 200 14.69 -11.11 -8.82
C LEU C 200 15.94 -10.54 -8.20
N PHE C 201 16.29 -9.33 -8.57
CA PHE C 201 17.49 -8.71 -8.05
C PHE C 201 17.29 -7.29 -7.56
N VAL C 202 16.28 -7.12 -6.71
CA VAL C 202 16.01 -5.84 -6.08
C VAL C 202 16.06 -6.19 -4.61
N ASN C 203 16.29 -5.21 -3.75
CA ASN C 203 16.33 -5.49 -2.33
C ASN C 203 16.02 -4.20 -1.60
N GLU C 204 15.17 -4.30 -0.58
CA GLU C 204 14.73 -3.15 0.17
C GLU C 204 15.86 -2.37 0.82
N GLY C 205 17.00 -3.01 0.99
CA GLY C 205 18.12 -2.33 1.60
C GLY C 205 18.71 -1.24 0.72
N PHE C 206 18.83 -1.52 -0.57
CA PHE C 206 19.44 -0.54 -1.49
C PHE C 206 18.63 -0.10 -2.71
N THR C 207 17.56 -0.82 -3.04
CA THR C 207 16.78 -0.46 -4.21
C THR C 207 15.79 0.68 -3.94
N THR C 208 15.99 1.80 -4.62
CA THR C 208 15.12 2.96 -4.43
C THR C 208 14.00 3.07 -5.45
N ARG C 209 14.26 2.65 -6.69
CA ARG C 209 13.24 2.74 -7.72
C ARG C 209 13.58 2.03 -9.02
N ILE C 210 12.53 1.65 -9.75
CA ILE C 210 12.69 1.02 -11.03
C ILE C 210 12.60 2.21 -12.00
N VAL C 211 13.72 2.55 -12.61
CA VAL C 211 13.80 3.71 -13.51
C VAL C 211 13.05 3.57 -14.82
N ASP C 212 12.73 2.34 -15.21
CA ASP C 212 12.05 2.11 -16.47
C ASP C 212 10.52 2.17 -16.44
N VAL C 213 9.95 2.54 -15.30
CA VAL C 213 8.50 2.69 -15.16
C VAL C 213 8.31 4.03 -14.49
N SER C 214 7.07 4.48 -14.34
CA SER C 214 6.84 5.77 -13.68
C SER C 214 7.11 5.66 -12.19
N GLU C 215 7.25 6.81 -11.54
CA GLU C 215 7.49 6.87 -10.11
C GLU C 215 6.45 6.10 -9.29
N LYS C 216 5.17 6.37 -9.54
CA LYS C 216 4.09 5.70 -8.82
C LYS C 216 4.07 4.22 -9.16
N GLU C 217 4.39 3.90 -10.42
CA GLU C 217 4.44 2.53 -10.87
C GLU C 217 5.55 1.80 -10.13
N SER C 218 6.68 2.47 -9.96
CA SER C 218 7.83 1.91 -9.27
C SER C 218 7.43 1.62 -7.83
N GLU C 219 6.83 2.61 -7.17
CA GLU C 219 6.40 2.46 -5.79
C GLU C 219 5.49 1.25 -5.64
N ALA C 220 4.54 1.09 -6.56
CA ALA C 220 3.63 -0.05 -6.50
C ALA C 220 4.37 -1.36 -6.73
N LEU C 221 5.25 -1.39 -7.73
CA LEU C 221 6.01 -2.60 -8.05
C LEU C 221 6.99 -3.00 -6.94
N LEU C 222 7.77 -2.03 -6.48
CA LEU C 222 8.72 -2.32 -5.41
C LEU C 222 7.96 -2.70 -4.15
N SER C 223 6.85 -2.02 -3.88
CA SER C 223 6.05 -2.33 -2.71
C SER C 223 5.63 -3.80 -2.82
N PHE C 224 5.23 -4.22 -4.01
CA PHE C 224 4.84 -5.61 -4.22
C PHE C 224 6.03 -6.55 -4.03
N LEU C 225 7.13 -6.27 -4.71
CA LEU C 225 8.30 -7.11 -4.64
C LEU C 225 8.91 -7.20 -3.24
N PHE C 226 8.99 -6.08 -2.54
CA PHE C 226 9.56 -6.10 -1.20
C PHE C 226 8.73 -6.99 -0.28
N ALA C 227 7.44 -7.14 -0.59
CA ALA C 227 6.59 -8.01 0.22
C ALA C 227 6.69 -9.43 -0.32
N HIS C 228 6.69 -9.55 -1.65
CA HIS C 228 6.76 -10.85 -2.31
C HIS C 228 7.95 -11.69 -1.85
N ILE C 229 9.12 -11.07 -1.75
CA ILE C 229 10.31 -11.81 -1.36
C ILE C 229 10.34 -12.25 0.10
N THR C 230 9.40 -11.77 0.91
CA THR C 230 9.36 -12.14 2.32
C THR C 230 8.51 -13.39 2.52
N LYS C 231 7.99 -13.94 1.43
CA LYS C 231 7.17 -15.13 1.50
C LYS C 231 7.99 -16.28 2.12
N PRO C 232 7.45 -16.95 3.14
CA PRO C 232 8.13 -18.05 3.82
C PRO C 232 8.71 -19.15 2.91
N GLU C 233 7.98 -19.54 1.87
CA GLU C 233 8.51 -20.62 1.02
C GLU C 233 9.75 -20.26 0.22
N PHE C 234 10.09 -18.97 0.12
CA PHE C 234 11.29 -18.59 -0.62
C PHE C 234 12.48 -18.49 0.33
N GLN C 235 12.29 -18.88 1.58
CA GLN C 235 13.35 -18.70 2.55
C GLN C 235 13.88 -19.89 3.30
N VAL C 236 15.00 -19.66 3.98
CA VAL C 236 15.56 -20.64 4.87
C VAL C 236 15.96 -19.78 6.06
N ARG C 237 15.70 -20.26 7.26
CA ARG C 237 16.04 -19.49 8.44
C ARG C 237 17.07 -20.27 9.23
N TRP C 238 18.09 -19.59 9.71
CA TRP C 238 19.15 -20.26 10.44
C TRP C 238 19.33 -19.78 11.87
N ARG C 239 19.34 -20.70 12.83
N ARG C 239 19.36 -20.72 12.81
CA ARG C 239 19.55 -20.35 14.22
CA ARG C 239 19.56 -20.42 14.23
C ARG C 239 21.01 -20.67 14.52
C ARG C 239 21.03 -20.69 14.51
N TRP C 240 21.79 -19.64 14.77
CA TRP C 240 23.22 -19.77 15.02
C TRP C 240 23.69 -20.49 16.27
N GLN C 241 24.86 -21.12 16.11
CA GLN C 241 25.57 -21.83 17.18
C GLN C 241 27.01 -21.42 16.99
N PRO C 242 27.77 -21.29 18.09
CA PRO C 242 29.18 -20.89 17.97
C PRO C 242 29.92 -21.72 16.92
N ASN C 243 30.75 -21.04 16.13
CA ASN C 243 31.55 -21.68 15.09
C ASN C 243 30.79 -22.19 13.87
N ASP C 244 29.60 -21.65 13.63
CA ASP C 244 28.85 -22.04 12.46
C ASP C 244 29.52 -21.32 11.31
N ILE C 245 29.29 -21.81 10.10
CA ILE C 245 29.81 -21.18 8.90
C ILE C 245 28.65 -21.16 7.93
N ALA C 246 28.39 -20.00 7.34
CA ALA C 246 27.33 -19.88 6.35
C ALA C 246 28.00 -19.30 5.12
N ILE C 247 27.70 -19.88 3.96
CA ILE C 247 28.27 -19.39 2.72
C ILE C 247 27.10 -19.22 1.79
N TRP C 248 26.96 -18.02 1.21
CA TRP C 248 25.83 -17.82 0.32
C TRP C 248 26.23 -17.15 -0.98
N ASP C 249 25.37 -17.34 -1.97
CA ASP C 249 25.55 -16.77 -3.29
C ASP C 249 24.78 -15.44 -3.22
N ASN C 250 25.50 -14.33 -3.07
CA ASN C 250 24.89 -13.01 -2.96
C ASN C 250 24.38 -12.46 -4.30
N ARG C 251 24.42 -13.28 -5.33
CA ARG C 251 23.96 -12.84 -6.64
C ARG C 251 22.47 -13.07 -6.85
N VAL C 252 21.90 -14.02 -6.12
CA VAL C 252 20.49 -14.32 -6.27
C VAL C 252 19.73 -14.45 -4.94
N THR C 253 20.26 -13.83 -3.89
CA THR C 253 19.59 -13.91 -2.62
C THR C 253 19.60 -12.57 -1.93
N GLN C 254 18.86 -12.52 -0.83
CA GLN C 254 18.81 -11.38 0.05
C GLN C 254 18.85 -12.05 1.41
N HIS C 255 19.33 -11.37 2.43
CA HIS C 255 19.30 -11.97 3.74
C HIS C 255 18.88 -10.92 4.74
N TYR C 256 18.47 -11.40 5.90
CA TYR C 256 17.94 -10.56 6.96
C TYR C 256 18.45 -11.11 8.28
N ALA C 257 19.05 -10.24 9.09
CA ALA C 257 19.57 -10.66 10.39
C ALA C 257 18.74 -10.07 11.53
N ASN C 258 18.13 -10.95 12.32
CA ASN C 258 17.29 -10.51 13.42
C ASN C 258 18.04 -9.66 14.44
N ALA C 259 17.43 -8.55 14.83
CA ALA C 259 18.01 -7.64 15.82
C ALA C 259 17.09 -7.81 17.03
N ASP C 260 17.26 -8.93 17.72
CA ASP C 260 16.43 -9.25 18.88
C ASP C 260 17.26 -9.83 20.01
N TYR C 261 18.48 -9.34 20.18
CA TYR C 261 19.34 -9.87 21.23
C TYR C 261 20.08 -8.86 22.11
N LEU C 262 19.92 -7.57 21.84
CA LEU C 262 20.59 -6.57 22.69
C LEU C 262 19.96 -6.69 24.07
N PRO C 263 20.71 -6.33 25.12
CA PRO C 263 22.08 -5.83 25.09
C PRO C 263 23.16 -6.91 24.99
N GLN C 264 22.80 -8.14 24.60
CA GLN C 264 23.80 -9.19 24.48
C GLN C 264 24.76 -8.91 23.34
N ARG C 265 25.94 -9.53 23.39
CA ARG C 265 26.95 -9.30 22.37
C ARG C 265 26.97 -10.39 21.30
N ARG C 266 27.24 -9.99 20.06
CA ARG C 266 27.29 -10.91 18.94
C ARG C 266 28.44 -10.54 18.01
N ILE C 267 29.36 -11.48 17.80
CA ILE C 267 30.51 -11.25 16.95
C ILE C 267 30.55 -12.21 15.76
N MET C 268 30.51 -11.66 14.55
CA MET C 268 30.55 -12.45 13.33
C MET C 268 31.74 -11.99 12.50
N HIS C 269 32.37 -12.92 11.79
CA HIS C 269 33.51 -12.63 10.91
C HIS C 269 33.07 -12.89 9.47
N ARG C 270 33.21 -11.90 8.58
CA ARG C 270 32.79 -12.09 7.21
C ARG C 270 33.84 -11.88 6.13
N ALA C 271 33.89 -12.85 5.22
CA ALA C 271 34.78 -12.79 4.07
C ALA C 271 33.82 -12.48 2.95
N THR C 272 34.12 -11.46 2.16
CA THR C 272 33.25 -11.07 1.07
C THR C 272 33.93 -11.31 -0.27
N ILE C 273 33.32 -12.17 -1.06
CA ILE C 273 33.86 -12.53 -2.36
C ILE C 273 33.34 -11.58 -3.43
N LEU C 274 34.28 -10.90 -4.09
CA LEU C 274 33.97 -9.93 -5.14
C LEU C 274 33.23 -10.57 -6.32
N GLY C 275 32.19 -9.89 -6.80
CA GLY C 275 31.43 -10.43 -7.91
C GLY C 275 31.69 -9.76 -9.24
N ASP C 276 30.90 -10.12 -10.24
CA ASP C 276 31.04 -9.54 -11.56
C ASP C 276 29.89 -8.57 -11.81
N LYS C 277 29.76 -8.07 -13.02
CA LYS C 277 28.69 -7.12 -13.33
C LYS C 277 27.34 -7.79 -13.53
N PRO C 278 26.35 -7.45 -12.67
CA PRO C 278 25.01 -8.04 -12.80
C PRO C 278 24.44 -7.72 -14.17
N PHE C 279 23.84 -8.71 -14.81
CA PHE C 279 23.26 -8.51 -16.13
C PHE C 279 22.03 -9.38 -16.35
N TYR C 280 21.27 -9.06 -17.38
CA TYR C 280 20.09 -9.84 -17.72
C TYR C 280 20.25 -10.36 -19.15
N ARG C 281 19.98 -11.65 -19.35
CA ARG C 281 20.06 -12.24 -20.68
C ARG C 281 18.85 -13.15 -20.85
N ALA C 282 17.97 -12.78 -21.78
CA ALA C 282 16.78 -13.58 -22.03
C ALA C 282 17.16 -14.94 -22.60
N GLU D 3 10.96 -37.38 35.93
CA GLU D 3 12.08 -36.56 35.41
C GLU D 3 11.64 -35.15 35.00
N ARG D 4 12.54 -34.20 35.18
CA ARG D 4 12.27 -32.81 34.84
C ARG D 4 12.41 -32.62 33.33
N LEU D 5 11.44 -31.95 32.71
CA LEU D 5 11.49 -31.72 31.27
C LEU D 5 12.56 -30.68 30.96
N SER D 6 13.19 -30.82 29.79
CA SER D 6 14.21 -29.87 29.36
C SER D 6 13.57 -28.91 28.36
N ILE D 7 13.61 -27.61 28.67
CA ILE D 7 13.03 -26.60 27.79
C ILE D 7 14.13 -25.74 27.17
N THR D 8 14.22 -25.77 25.85
CA THR D 8 15.23 -24.99 25.14
C THR D 8 14.58 -23.91 24.28
N PRO D 9 14.68 -22.64 24.70
CA PRO D 9 14.07 -21.57 23.91
C PRO D 9 14.68 -21.53 22.51
N LEU D 10 13.85 -21.30 21.50
CA LEU D 10 14.32 -21.24 20.12
C LEU D 10 14.52 -19.79 19.70
N GLY D 11 14.12 -18.88 20.58
CA GLY D 11 14.25 -17.47 20.33
C GLY D 11 13.87 -16.69 21.59
N PRO D 12 14.05 -15.37 21.60
CA PRO D 12 13.70 -14.60 22.79
C PRO D 12 12.22 -14.32 22.95
N TYR D 13 11.44 -14.45 21.87
CA TYR D 13 10.02 -14.14 21.95
C TYR D 13 9.08 -15.30 21.75
N ILE D 14 9.50 -16.28 20.97
CA ILE D 14 8.62 -17.39 20.69
C ILE D 14 9.33 -18.69 20.32
N GLY D 15 8.72 -19.79 20.72
CA GLY D 15 9.26 -21.09 20.37
C GLY D 15 10.24 -21.70 21.35
N ALA D 16 10.09 -23.00 21.54
CA ALA D 16 10.97 -23.72 22.43
C ALA D 16 10.86 -25.19 22.05
N GLN D 17 11.98 -25.90 22.21
CA GLN D 17 11.99 -27.32 21.90
C GLN D 17 12.09 -28.01 23.25
N ILE D 18 11.31 -29.07 23.42
CA ILE D 18 11.29 -29.79 24.68
C ILE D 18 11.73 -31.23 24.56
N SER D 19 12.44 -31.71 25.57
N SER D 19 12.44 -31.71 25.57
CA SER D 19 12.94 -33.07 25.61
CA SER D 19 12.91 -33.08 25.60
C SER D 19 12.71 -33.65 27.01
C SER D 19 12.68 -33.64 27.00
N GLY D 20 12.69 -34.97 27.11
CA GLY D 20 12.49 -35.60 28.40
C GLY D 20 11.05 -35.95 28.68
N ALA D 21 10.19 -35.75 27.69
CA ALA D 21 8.77 -36.06 27.86
C ALA D 21 8.34 -37.16 26.91
N ASP D 22 8.07 -38.34 27.46
CA ASP D 22 7.61 -39.48 26.67
C ASP D 22 6.11 -39.34 26.49
N LEU D 23 5.70 -38.80 25.35
CA LEU D 23 4.27 -38.60 25.10
C LEU D 23 3.49 -39.86 24.74
N THR D 24 4.16 -41.01 24.71
CA THR D 24 3.46 -42.25 24.39
C THR D 24 2.78 -42.75 25.67
N ARG D 25 3.17 -42.18 26.80
CA ARG D 25 2.60 -42.57 28.09
C ARG D 25 2.15 -41.33 28.85
N PRO D 26 1.32 -41.52 29.89
CA PRO D 26 0.84 -40.38 30.67
C PRO D 26 1.98 -39.58 31.28
N LEU D 27 1.88 -38.26 31.22
CA LEU D 27 2.90 -37.41 31.80
C LEU D 27 2.61 -37.27 33.28
N SER D 28 3.65 -37.13 34.10
CA SER D 28 3.43 -36.94 35.52
C SER D 28 2.75 -35.59 35.61
N ASP D 29 2.15 -35.26 36.74
CA ASP D 29 1.50 -33.98 36.84
C ASP D 29 2.54 -32.86 36.78
N ASN D 30 3.72 -33.11 37.34
CA ASN D 30 4.77 -32.10 37.31
C ASN D 30 5.25 -31.88 35.88
N GLN D 31 5.38 -32.97 35.13
CA GLN D 31 5.82 -32.89 33.74
C GLN D 31 4.81 -32.12 32.91
N PHE D 32 3.54 -32.45 33.08
CA PHE D 32 2.49 -31.78 32.33
C PHE D 32 2.43 -30.32 32.68
N GLU D 33 2.54 -30.00 33.97
CA GLU D 33 2.52 -28.59 34.37
C GLU D 33 3.65 -27.87 33.65
N GLN D 34 4.81 -28.51 33.55
CA GLN D 34 5.95 -27.91 32.88
C GLN D 34 5.64 -27.67 31.40
N LEU D 35 5.03 -28.66 30.76
CA LEU D 35 4.68 -28.58 29.35
C LEU D 35 3.65 -27.48 29.11
N TYR D 36 2.60 -27.49 29.92
CA TYR D 36 1.53 -26.52 29.83
C TYR D 36 2.08 -25.10 29.97
N HIS D 37 2.90 -24.89 31.00
CA HIS D 37 3.49 -23.58 31.23
C HIS D 37 4.46 -23.20 30.12
N ALA D 38 5.13 -24.20 29.54
CA ALA D 38 6.07 -23.93 28.46
C ALA D 38 5.30 -23.43 27.24
N VAL D 39 4.15 -24.04 26.99
CA VAL D 39 3.30 -23.63 25.87
C VAL D 39 2.84 -22.20 26.12
N LEU D 40 2.38 -21.92 27.34
CA LEU D 40 1.91 -20.58 27.66
C LEU D 40 3.02 -19.57 27.46
N ARG D 41 4.20 -19.89 27.98
CA ARG D 41 5.34 -18.99 27.87
C ARG D 41 5.87 -18.82 26.45
N HIS D 42 6.21 -19.93 25.81
CA HIS D 42 6.79 -19.89 24.48
C HIS D 42 5.81 -19.89 23.31
N GLN D 43 4.52 -20.00 23.62
CA GLN D 43 3.44 -19.97 22.61
C GLN D 43 3.36 -21.17 21.69
N VAL D 44 4.50 -21.73 21.32
CA VAL D 44 4.51 -22.94 20.50
C VAL D 44 5.72 -23.74 20.94
N VAL D 45 5.52 -25.04 21.17
CA VAL D 45 6.63 -25.88 21.60
C VAL D 45 6.68 -27.09 20.70
N PHE D 46 7.89 -27.63 20.55
CA PHE D 46 8.10 -28.77 19.69
C PHE D 46 8.81 -29.88 20.45
N LEU D 47 8.34 -31.11 20.25
CA LEU D 47 8.95 -32.27 20.87
C LEU D 47 9.28 -33.23 19.71
N ARG D 48 10.51 -33.69 19.65
CA ARG D 48 10.87 -34.60 18.57
C ARG D 48 10.88 -36.04 19.06
N ASP D 49 10.87 -36.97 18.11
CA ASP D 49 10.91 -38.39 18.41
C ASP D 49 9.80 -38.84 19.34
N GLN D 50 8.59 -38.48 18.98
CA GLN D 50 7.40 -38.84 19.74
C GLN D 50 6.47 -39.61 18.81
N ALA D 51 6.82 -40.87 18.56
CA ALA D 51 6.02 -41.74 17.70
C ALA D 51 4.80 -42.15 18.48
N ILE D 52 3.81 -41.28 18.53
CA ILE D 52 2.60 -41.59 19.28
C ILE D 52 1.44 -42.05 18.41
N THR D 53 0.47 -42.68 19.05
CA THR D 53 -0.71 -43.15 18.35
C THR D 53 -1.74 -42.04 18.51
N PRO D 54 -2.79 -42.05 17.70
CA PRO D 54 -3.81 -41.01 17.82
C PRO D 54 -4.43 -41.04 19.22
N GLN D 55 -4.70 -42.24 19.73
CA GLN D 55 -5.28 -42.38 21.05
C GLN D 55 -4.40 -41.69 22.09
N GLN D 56 -3.09 -41.83 21.93
CA GLN D 56 -2.15 -41.22 22.85
C GLN D 56 -2.11 -39.70 22.64
N GLN D 57 -2.29 -39.27 21.39
CA GLN D 57 -2.28 -37.83 21.09
C GLN D 57 -3.51 -37.20 21.72
N ARG D 58 -4.64 -37.90 21.63
CA ARG D 58 -5.88 -37.40 22.21
C ARG D 58 -5.78 -37.33 23.73
N ALA D 59 -5.19 -38.36 24.33
CA ALA D 59 -5.04 -38.39 25.78
C ALA D 59 -4.31 -37.12 26.24
N LEU D 60 -3.22 -36.82 25.56
CA LEU D 60 -2.43 -35.65 25.88
C LEU D 60 -3.21 -34.36 25.70
N ALA D 61 -3.89 -34.26 24.56
CA ALA D 61 -4.67 -33.09 24.23
C ALA D 61 -5.81 -32.82 25.22
N GLN D 62 -6.50 -33.87 25.63
CA GLN D 62 -7.63 -33.71 26.56
C GLN D 62 -7.23 -33.05 27.87
N ARG D 63 -5.95 -33.14 28.22
CA ARG D 63 -5.49 -32.54 29.46
C ARG D 63 -5.43 -31.02 29.34
N PHE D 64 -5.55 -30.52 28.10
CA PHE D 64 -5.53 -29.08 27.87
C PHE D 64 -6.96 -28.53 27.84
N GLY D 65 -7.94 -29.42 27.64
CA GLY D 65 -9.33 -29.00 27.60
C GLY D 65 -10.16 -29.76 26.60
N GLU D 66 -11.41 -29.34 26.41
CA GLU D 66 -12.32 -29.98 25.47
C GLU D 66 -11.68 -30.03 24.08
N LEU D 67 -11.84 -31.15 23.38
CA LEU D 67 -11.28 -31.30 22.05
C LEU D 67 -12.37 -31.25 20.99
N HIS D 68 -12.00 -30.75 19.82
CA HIS D 68 -12.94 -30.65 18.72
C HIS D 68 -13.05 -31.96 17.93
N ILE D 69 -14.28 -32.30 17.55
CA ILE D 69 -14.52 -33.49 16.74
C ILE D 69 -14.90 -32.86 15.41
N HIS D 70 -13.99 -32.88 14.45
CA HIS D 70 -14.26 -32.27 13.16
C HIS D 70 -15.38 -33.00 12.42
N PRO D 71 -16.38 -32.24 11.95
CA PRO D 71 -17.55 -32.75 11.21
C PRO D 71 -17.23 -33.20 9.79
N VAL D 72 -16.13 -32.71 9.22
CA VAL D 72 -15.78 -33.05 7.86
C VAL D 72 -14.47 -33.79 7.63
N TYR D 73 -13.39 -33.31 8.22
CA TYR D 73 -12.10 -33.95 8.04
C TYR D 73 -12.08 -35.37 8.58
N PRO D 74 -11.39 -36.29 7.88
CA PRO D 74 -11.30 -37.69 8.31
C PRO D 74 -10.58 -37.74 9.66
N HIS D 75 -10.92 -38.72 10.48
CA HIS D 75 -10.27 -38.85 11.77
C HIS D 75 -9.36 -40.07 11.78
N ALA D 76 -8.36 -40.02 12.64
CA ALA D 76 -7.40 -41.12 12.75
C ALA D 76 -8.07 -42.38 13.30
N GLU D 77 -7.53 -43.52 12.90
CA GLU D 77 -8.01 -44.84 13.33
C GLU D 77 -9.37 -44.76 14.02
N GLY D 78 -9.43 -45.16 15.28
CA GLY D 78 -10.68 -45.11 16.02
C GLY D 78 -10.67 -43.97 17.03
N VAL D 79 -10.22 -42.80 16.59
CA VAL D 79 -10.15 -41.62 17.44
C VAL D 79 -10.77 -40.40 16.76
N ASP D 80 -12.02 -40.12 17.10
CA ASP D 80 -12.75 -39.00 16.52
C ASP D 80 -12.17 -37.62 16.80
N GLU D 81 -11.35 -37.48 17.85
CA GLU D 81 -10.76 -36.20 18.21
C GLU D 81 -9.47 -35.88 17.44
N ILE D 82 -8.96 -36.85 16.70
CA ILE D 82 -7.72 -36.65 15.95
C ILE D 82 -8.03 -36.62 14.46
N ILE D 83 -7.79 -35.46 13.85
CA ILE D 83 -8.03 -35.24 12.44
C ILE D 83 -6.80 -35.64 11.62
N VAL D 84 -7.04 -36.28 10.48
CA VAL D 84 -5.96 -36.68 9.59
C VAL D 84 -5.84 -35.66 8.47
N LEU D 85 -4.75 -34.91 8.47
CA LEU D 85 -4.51 -33.89 7.43
C LEU D 85 -3.56 -34.52 6.43
N ASP D 86 -4.13 -34.99 5.32
CA ASP D 86 -3.40 -35.68 4.26
C ASP D 86 -3.34 -34.83 3.00
N THR D 87 -2.21 -34.19 2.74
CA THR D 87 -2.07 -33.36 1.56
C THR D 87 -1.17 -33.98 0.50
N HIS D 88 -1.56 -33.78 -0.75
CA HIS D 88 -0.84 -34.31 -1.91
C HIS D 88 -1.51 -33.70 -3.14
N ASN D 89 -1.14 -34.15 -4.33
CA ASN D 89 -1.72 -33.61 -5.55
C ASN D 89 -3.24 -33.59 -5.60
N ASP D 90 -3.87 -34.62 -5.04
CA ASP D 90 -5.33 -34.68 -5.06
C ASP D 90 -6.00 -33.97 -3.87
N ASN D 91 -5.19 -33.34 -3.04
CA ASN D 91 -5.67 -32.55 -1.91
C ASN D 91 -4.53 -31.59 -1.59
N PRO D 92 -4.31 -30.60 -2.47
CA PRO D 92 -3.27 -29.59 -2.34
C PRO D 92 -3.28 -28.81 -1.04
N PRO D 93 -2.09 -28.59 -0.46
CA PRO D 93 -1.94 -27.85 0.80
C PRO D 93 -2.52 -26.46 0.53
N ASP D 94 -3.23 -25.92 1.51
N ASP D 94 -3.23 -25.90 1.50
CA ASP D 94 -3.85 -24.61 1.36
CA ASP D 94 -3.81 -24.57 1.34
C ASP D 94 -3.72 -23.78 2.65
C ASP D 94 -3.68 -23.73 2.61
N ASN D 95 -2.70 -24.08 3.45
CA ASN D 95 -2.48 -23.36 4.70
C ASN D 95 -1.29 -22.40 4.62
N ASP D 96 -0.82 -22.14 3.40
CA ASP D 96 0.31 -21.25 3.24
C ASP D 96 -0.16 -19.80 3.22
N ASN D 97 -0.75 -19.38 4.33
CA ASN D 97 -1.25 -18.02 4.53
C ASN D 97 -1.22 -17.81 6.04
N TRP D 98 -1.02 -16.57 6.48
CA TRP D 98 -0.97 -16.30 7.91
C TRP D 98 -2.37 -16.33 8.48
N HIS D 99 -2.60 -17.25 9.41
CA HIS D 99 -3.91 -17.37 10.01
C HIS D 99 -3.85 -17.87 11.44
N THR D 100 -4.91 -17.56 12.17
CA THR D 100 -5.08 -18.03 13.53
C THR D 100 -6.26 -18.94 13.32
N ASP D 101 -6.18 -20.18 13.81
CA ASP D 101 -7.25 -21.15 13.58
C ASP D 101 -8.66 -20.71 13.93
N VAL D 102 -9.54 -20.86 12.95
CA VAL D 102 -10.97 -20.58 13.06
C VAL D 102 -11.36 -19.39 13.92
N THR D 103 -10.93 -18.19 13.54
CA THR D 103 -11.31 -17.02 14.33
C THR D 103 -12.66 -16.50 13.85
N PHE D 104 -13.25 -17.17 12.86
CA PHE D 104 -14.53 -16.75 12.34
C PHE D 104 -15.70 -17.19 13.22
N ILE D 105 -15.40 -17.92 14.29
CA ILE D 105 -16.43 -18.35 15.23
C ILE D 105 -16.22 -17.61 16.54
N GLU D 106 -17.24 -17.65 17.39
CA GLU D 106 -17.23 -16.96 18.66
C GLU D 106 -16.15 -17.39 19.66
N THR D 107 -15.81 -18.67 19.66
CA THR D 107 -14.79 -19.16 20.59
C THR D 107 -13.73 -19.93 19.80
N PRO D 108 -12.79 -19.20 19.17
CA PRO D 108 -11.74 -19.88 18.39
C PRO D 108 -10.93 -20.84 19.26
N PRO D 109 -10.39 -21.90 18.64
CA PRO D 109 -9.60 -22.89 19.38
C PRO D 109 -8.55 -22.23 20.27
N ALA D 110 -8.35 -22.78 21.46
CA ALA D 110 -7.34 -22.27 22.37
C ALA D 110 -5.96 -22.71 21.91
N GLY D 111 -5.91 -23.87 21.26
CA GLY D 111 -4.64 -24.37 20.78
C GLY D 111 -4.80 -25.67 20.03
N ALA D 112 -3.68 -26.32 19.76
CA ALA D 112 -3.72 -27.56 19.04
C ALA D 112 -2.44 -28.34 19.27
N ILE D 113 -2.49 -29.63 18.98
CA ILE D 113 -1.33 -30.49 19.08
C ILE D 113 -1.27 -31.13 17.71
N LEU D 114 -0.16 -30.90 17.01
CA LEU D 114 0.00 -31.43 15.66
C LEU D 114 1.13 -32.46 15.66
N ALA D 115 0.86 -33.63 15.08
CA ALA D 115 1.87 -34.67 15.01
C ALA D 115 2.24 -34.91 13.55
N ALA D 116 3.53 -35.06 13.29
CA ALA D 116 4.00 -35.31 11.93
C ALA D 116 4.02 -36.82 11.74
N LYS D 117 3.11 -37.34 10.92
CA LYS D 117 3.07 -38.79 10.71
C LYS D 117 3.97 -39.21 9.54
N GLU D 118 3.72 -38.66 8.36
CA GLU D 118 4.51 -38.97 7.18
C GLU D 118 4.80 -37.67 6.44
N LEU D 119 6.07 -37.47 6.11
CA LEU D 119 6.50 -36.23 5.48
C LEU D 119 7.22 -36.31 4.15
N PRO D 120 7.20 -35.20 3.40
CA PRO D 120 7.87 -35.09 2.10
C PRO D 120 9.36 -35.09 2.44
N SER D 121 10.23 -35.39 1.48
CA SER D 121 11.66 -35.41 1.74
C SER D 121 12.13 -34.07 2.28
N THR D 122 11.50 -33.00 1.82
CA THR D 122 11.86 -31.65 2.27
C THR D 122 10.67 -30.72 2.05
N GLY D 123 10.71 -29.54 2.68
CA GLY D 123 9.62 -28.60 2.52
C GLY D 123 8.52 -28.79 3.54
N GLY D 124 7.46 -27.98 3.42
CA GLY D 124 6.36 -28.10 4.36
C GLY D 124 6.61 -27.49 5.72
N ASP D 125 7.64 -26.64 5.83
CA ASP D 125 7.95 -25.97 7.10
C ASP D 125 6.71 -25.22 7.57
N THR D 126 6.57 -25.11 8.88
CA THR D 126 5.45 -24.38 9.44
C THR D 126 6.06 -23.30 10.30
N LEU D 127 5.48 -22.10 10.19
CA LEU D 127 5.96 -20.96 10.95
C LEU D 127 4.86 -20.42 11.85
N TRP D 128 5.28 -19.87 12.99
CA TRP D 128 4.37 -19.27 13.94
C TRP D 128 4.88 -17.86 14.19
N THR D 129 3.94 -16.94 14.36
CA THR D 129 4.32 -15.58 14.66
C THR D 129 3.63 -15.19 15.97
N SER D 130 4.38 -14.51 16.83
CA SER D 130 3.92 -14.09 18.15
C SER D 130 3.08 -12.82 18.14
N GLY D 131 1.81 -12.95 18.49
CA GLY D 131 0.94 -11.79 18.54
C GLY D 131 1.36 -10.91 19.69
N ILE D 132 1.97 -11.52 20.71
CA ILE D 132 2.42 -10.77 21.87
C ILE D 132 3.62 -9.90 21.52
N ALA D 133 4.62 -10.51 20.92
CA ALA D 133 5.82 -9.77 20.54
C ALA D 133 5.46 -8.69 19.54
N ALA D 134 4.56 -9.01 18.60
CA ALA D 134 4.15 -8.05 17.57
C ALA D 134 3.48 -6.85 18.22
N TYR D 135 2.63 -7.12 19.20
CA TYR D 135 1.95 -6.04 19.91
C TYR D 135 2.96 -5.15 20.64
N GLU D 136 3.84 -5.79 21.41
N GLU D 136 3.84 -5.79 21.41
CA GLU D 136 4.84 -5.06 22.19
CA GLU D 136 4.85 -5.06 22.18
C GLU D 136 5.80 -4.26 21.31
C GLU D 136 5.77 -4.24 21.30
N ALA D 137 5.95 -4.67 20.06
CA ALA D 137 6.82 -3.98 19.12
C ALA D 137 6.16 -2.71 18.57
N LEU D 138 4.86 -2.57 18.80
CA LEU D 138 4.13 -1.38 18.34
C LEU D 138 4.53 -0.16 19.17
N SER D 139 4.47 1.01 18.56
CA SER D 139 4.81 2.24 19.29
C SER D 139 3.63 2.48 20.21
N VAL D 140 3.83 3.28 21.26
CA VAL D 140 2.74 3.54 22.19
C VAL D 140 1.47 4.08 21.52
N PRO D 141 1.61 5.00 20.56
CA PRO D 141 0.40 5.51 19.90
C PRO D 141 -0.39 4.41 19.20
N PHE D 142 0.33 3.48 18.60
CA PHE D 142 -0.32 2.37 17.91
C PHE D 142 -0.94 1.39 18.89
N ARG D 143 -0.27 1.16 20.02
CA ARG D 143 -0.82 0.25 21.02
C ARG D 143 -2.13 0.85 21.51
N GLN D 144 -2.11 2.16 21.78
CA GLN D 144 -3.29 2.86 22.27
C GLN D 144 -4.41 2.85 21.24
N LEU D 145 -4.03 2.99 19.98
CA LEU D 145 -5.00 3.01 18.88
C LEU D 145 -5.74 1.68 18.78
N LEU D 146 -4.97 0.61 18.62
CA LEU D 146 -5.54 -0.72 18.45
C LEU D 146 -6.21 -1.34 19.68
N SER D 147 -5.71 -1.03 20.86
CA SER D 147 -6.28 -1.59 22.09
C SER D 147 -7.70 -1.12 22.27
N GLY D 148 -8.64 -2.07 22.29
CA GLY D 148 -10.03 -1.72 22.45
C GLY D 148 -10.83 -1.74 21.16
N LEU D 149 -10.14 -1.74 20.02
CA LEU D 149 -10.84 -1.79 18.74
C LEU D 149 -11.33 -3.20 18.50
N ARG D 150 -12.32 -3.33 17.62
CA ARG D 150 -12.87 -4.62 17.29
C ARG D 150 -12.72 -4.85 15.79
N ALA D 151 -12.50 -6.10 15.41
CA ALA D 151 -12.33 -6.43 14.01
C ALA D 151 -13.27 -7.54 13.64
N GLU D 152 -13.75 -7.49 12.40
CA GLU D 152 -14.65 -8.49 11.91
C GLU D 152 -13.88 -9.66 11.28
N HIS D 153 -14.27 -10.87 11.63
CA HIS D 153 -13.65 -12.08 11.09
C HIS D 153 -14.70 -12.75 10.23
N ASP D 154 -14.33 -13.04 8.99
CA ASP D 154 -15.27 -13.62 8.05
C ASP D 154 -14.78 -14.90 7.39
N PHE D 155 -15.59 -15.94 7.52
CA PHE D 155 -15.31 -17.25 6.93
C PHE D 155 -14.96 -17.10 5.45
N ARG D 156 -15.69 -16.24 4.75
CA ARG D 156 -15.51 -16.00 3.33
C ARG D 156 -14.15 -15.46 2.88
N LYS D 157 -13.38 -14.89 3.80
CA LYS D 157 -12.09 -14.33 3.44
C LYS D 157 -11.14 -15.44 2.99
N SER D 158 -11.20 -16.59 3.66
CA SER D 158 -10.33 -17.71 3.30
C SER D 158 -11.05 -18.68 2.35
N PHE D 159 -12.34 -18.46 2.14
CA PHE D 159 -13.12 -19.30 1.24
C PHE D 159 -13.86 -18.39 0.27
N PRO D 160 -13.12 -17.70 -0.61
CA PRO D 160 -13.67 -16.78 -1.61
C PRO D 160 -14.72 -17.45 -2.49
N GLU D 161 -15.87 -16.80 -2.63
CA GLU D 161 -16.96 -17.34 -3.44
C GLU D 161 -16.54 -17.66 -4.88
N TYR D 162 -15.61 -16.89 -5.43
CA TYR D 162 -15.18 -17.12 -6.80
C TYR D 162 -14.44 -18.45 -6.94
N LYS D 163 -14.11 -19.07 -5.82
CA LYS D 163 -13.39 -20.35 -5.83
C LYS D 163 -14.32 -21.55 -5.65
N TYR D 164 -15.60 -21.28 -5.44
CA TYR D 164 -16.57 -22.36 -5.26
C TYR D 164 -17.83 -22.16 -6.11
N ARG D 165 -17.64 -21.77 -7.36
CA ARG D 165 -18.77 -21.54 -8.25
C ARG D 165 -18.64 -22.38 -9.53
N LYS D 166 -17.78 -23.39 -9.48
CA LYS D 166 -17.54 -24.26 -10.61
C LYS D 166 -18.81 -24.98 -11.10
N THR D 167 -19.50 -25.66 -10.19
CA THR D 167 -20.72 -26.38 -10.56
C THR D 167 -21.97 -25.64 -10.10
N GLU D 168 -22.77 -25.22 -11.06
CA GLU D 168 -24.02 -24.51 -10.79
C GLU D 168 -24.67 -25.12 -9.54
N GLU D 169 -24.68 -26.44 -9.49
CA GLU D 169 -25.26 -27.18 -8.38
C GLU D 169 -24.39 -27.12 -7.12
N GLU D 170 -23.29 -27.86 -7.11
CA GLU D 170 -22.40 -27.89 -5.95
C GLU D 170 -21.66 -26.57 -5.71
N HIS D 171 -22.43 -25.52 -5.44
CA HIS D 171 -21.90 -24.19 -5.17
C HIS D 171 -22.72 -23.60 -4.03
N GLN D 172 -23.98 -24.03 -3.95
CA GLN D 172 -24.87 -23.56 -2.89
C GLN D 172 -24.39 -24.21 -1.60
N ARG D 173 -23.36 -25.06 -1.73
CA ARG D 173 -22.76 -25.73 -0.59
C ARG D 173 -21.95 -24.64 0.10
N TRP D 174 -21.27 -23.83 -0.71
CA TRP D 174 -20.48 -22.72 -0.23
C TRP D 174 -21.45 -21.79 0.49
N ARG D 175 -22.61 -21.58 -0.13
CA ARG D 175 -23.64 -20.73 0.43
C ARG D 175 -24.15 -21.25 1.77
N GLU D 176 -24.23 -22.57 1.89
CA GLU D 176 -24.69 -23.20 3.13
C GLU D 176 -23.69 -23.00 4.26
N ALA D 177 -22.40 -23.00 3.92
CA ALA D 177 -21.35 -22.83 4.90
C ALA D 177 -21.31 -21.38 5.40
N VAL D 178 -21.36 -20.45 4.46
CA VAL D 178 -21.34 -19.03 4.79
C VAL D 178 -22.54 -18.67 5.65
N ALA D 179 -23.67 -19.33 5.38
CA ALA D 179 -24.90 -19.09 6.14
C ALA D 179 -24.75 -19.49 7.61
N LYS D 180 -23.95 -20.51 7.87
CA LYS D 180 -23.74 -20.97 9.25
C LYS D 180 -22.59 -20.22 9.91
N ASN D 181 -21.78 -19.53 9.11
CA ASN D 181 -20.65 -18.78 9.65
C ASN D 181 -20.72 -17.31 9.32
N PRO D 182 -21.67 -16.62 9.95
CA PRO D 182 -21.84 -15.18 9.71
C PRO D 182 -20.62 -14.47 10.26
N PRO D 183 -20.27 -13.31 9.69
CA PRO D 183 -19.11 -12.58 10.20
C PRO D 183 -19.37 -12.20 11.66
N LEU D 184 -18.31 -12.09 12.45
CA LEU D 184 -18.48 -11.69 13.85
C LEU D 184 -17.24 -10.93 14.31
N LEU D 185 -17.35 -10.32 15.48
CA LEU D 185 -16.26 -9.50 16.00
C LEU D 185 -15.42 -10.09 17.11
N HIS D 186 -14.16 -9.68 17.13
CA HIS D 186 -13.19 -10.08 18.14
C HIS D 186 -12.32 -8.86 18.39
N PRO D 187 -11.77 -8.74 19.62
CA PRO D 187 -10.91 -7.59 19.93
C PRO D 187 -9.68 -7.63 19.01
N VAL D 188 -9.20 -6.45 18.61
CA VAL D 188 -8.01 -6.37 17.77
C VAL D 188 -6.81 -6.73 18.62
N VAL D 189 -6.86 -6.31 19.88
CA VAL D 189 -5.81 -6.61 20.83
C VAL D 189 -6.48 -7.53 21.84
N ARG D 190 -6.00 -8.77 21.88
CA ARG D 190 -6.58 -9.75 22.78
C ARG D 190 -5.75 -9.93 24.03
N THR D 191 -6.44 -9.98 25.16
CA THR D 191 -5.78 -10.17 26.44
C THR D 191 -5.78 -11.67 26.67
N HIS D 192 -4.61 -12.25 26.84
CA HIS D 192 -4.52 -13.68 27.05
C HIS D 192 -5.28 -14.05 28.33
N PRO D 193 -6.26 -14.95 28.24
CA PRO D 193 -7.10 -15.42 29.34
C PRO D 193 -6.38 -15.94 30.57
N VAL D 194 -5.15 -16.40 30.39
CA VAL D 194 -4.37 -16.94 31.51
C VAL D 194 -3.25 -16.00 31.97
N SER D 195 -2.36 -15.65 31.05
CA SER D 195 -1.22 -14.79 31.37
C SER D 195 -1.51 -13.30 31.50
N GLY D 196 -2.60 -12.84 30.88
CA GLY D 196 -2.91 -11.43 30.94
C GLY D 196 -2.10 -10.62 29.93
N LYS D 197 -1.30 -11.30 29.12
CA LYS D 197 -0.48 -10.62 28.12
C LYS D 197 -1.37 -10.10 27.00
N GLN D 198 -1.09 -8.89 26.51
CA GLN D 198 -1.86 -8.32 25.42
C GLN D 198 -1.20 -8.78 24.12
N ALA D 199 -2.01 -9.15 23.14
CA ALA D 199 -1.48 -9.62 21.88
C ALA D 199 -2.32 -9.18 20.72
N LEU D 200 -1.67 -8.93 19.60
CA LEU D 200 -2.41 -8.56 18.41
C LEU D 200 -3.19 -9.80 18.09
N PHE D 201 -4.44 -9.61 17.69
CA PHE D 201 -5.30 -10.73 17.39
C PHE D 201 -6.09 -10.56 16.09
N VAL D 202 -5.38 -10.25 15.01
CA VAL D 202 -6.02 -10.16 13.71
C VAL D 202 -5.19 -11.13 12.89
N ASN D 203 -5.74 -11.63 11.80
CA ASN D 203 -4.97 -12.53 10.96
C ASN D 203 -5.53 -12.35 9.56
N GLU D 204 -4.65 -12.37 8.56
N GLU D 204 -4.64 -12.37 8.57
CA GLU D 204 -5.07 -12.19 7.18
CA GLU D 204 -5.04 -12.19 7.19
C GLU D 204 -5.99 -13.31 6.72
C GLU D 204 -5.93 -13.31 6.69
N GLY D 205 -5.95 -14.42 7.43
CA GLY D 205 -6.80 -15.54 7.05
C GLY D 205 -8.28 -15.23 7.16
N PHE D 206 -8.68 -14.51 8.22
CA PHE D 206 -10.10 -14.22 8.41
C PHE D 206 -10.51 -12.79 8.72
N THR D 207 -9.57 -11.96 9.18
CA THR D 207 -9.92 -10.58 9.51
C THR D 207 -10.15 -9.72 8.27
N THR D 208 -11.38 -9.25 8.12
CA THR D 208 -11.73 -8.44 6.96
C THR D 208 -11.64 -6.95 7.22
N ARG D 209 -11.97 -6.53 8.44
CA ARG D 209 -11.88 -5.11 8.73
C ARG D 209 -12.10 -4.74 10.17
N ILE D 210 -11.48 -3.63 10.55
CA ILE D 210 -11.59 -3.10 11.90
C ILE D 210 -12.81 -2.18 11.81
N VAL D 211 -13.88 -2.59 12.47
CA VAL D 211 -15.14 -1.84 12.44
C VAL D 211 -15.17 -0.51 13.18
N ASP D 212 -14.24 -0.30 14.09
CA ASP D 212 -14.24 0.94 14.86
C ASP D 212 -13.50 2.13 14.26
N VAL D 213 -13.04 1.97 13.01
CA VAL D 213 -12.37 3.04 12.29
C VAL D 213 -13.04 3.05 10.92
N SER D 214 -12.75 4.03 10.07
CA SER D 214 -13.38 4.07 8.76
C SER D 214 -12.89 2.90 7.91
N GLU D 215 -13.57 2.69 6.78
CA GLU D 215 -13.20 1.60 5.89
C GLU D 215 -11.77 1.75 5.35
N LYS D 216 -11.41 2.97 4.98
CA LYS D 216 -10.08 3.21 4.44
C LYS D 216 -9.02 3.18 5.55
N GLU D 217 -9.40 3.61 6.74
CA GLU D 217 -8.47 3.60 7.86
C GLU D 217 -8.21 2.13 8.18
N SER D 218 -9.27 1.34 8.11
CA SER D 218 -9.17 -0.09 8.37
C SER D 218 -8.23 -0.74 7.36
N GLU D 219 -8.40 -0.41 6.07
CA GLU D 219 -7.52 -1.00 5.06
C GLU D 219 -6.06 -0.67 5.34
N ALA D 220 -5.80 0.56 5.74
CA ALA D 220 -4.43 0.97 6.03
C ALA D 220 -3.87 0.23 7.24
N LEU D 221 -4.66 0.18 8.31
CA LEU D 221 -4.24 -0.50 9.53
C LEU D 221 -3.99 -1.98 9.35
N LEU D 222 -4.93 -2.66 8.70
CA LEU D 222 -4.77 -4.10 8.48
C LEU D 222 -3.64 -4.37 7.50
N SER D 223 -3.49 -3.49 6.50
CA SER D 223 -2.41 -3.65 5.54
C SER D 223 -1.11 -3.58 6.31
N PHE D 224 -1.05 -2.65 7.28
CA PHE D 224 0.15 -2.52 8.09
C PHE D 224 0.32 -3.72 9.00
N LEU D 225 -0.74 -4.09 9.72
CA LEU D 225 -0.67 -5.21 10.64
C LEU D 225 -0.33 -6.53 9.97
N PHE D 226 -0.95 -6.82 8.83
CA PHE D 226 -0.66 -8.08 8.15
C PHE D 226 0.80 -8.15 7.71
N ALA D 227 1.45 -7.00 7.56
CA ALA D 227 2.85 -6.99 7.18
C ALA D 227 3.68 -7.06 8.46
N HIS D 228 3.26 -6.30 9.45
CA HIS D 228 3.96 -6.23 10.74
C HIS D 228 4.16 -7.61 11.36
N ILE D 229 3.10 -8.43 11.35
CA ILE D 229 3.21 -9.76 11.96
C ILE D 229 4.14 -10.70 11.18
N THR D 230 4.53 -10.33 9.97
CA THR D 230 5.40 -11.18 9.18
C THR D 230 6.86 -10.90 9.45
N LYS D 231 7.14 -9.96 10.36
CA LYS D 231 8.53 -9.63 10.68
C LYS D 231 9.24 -10.86 11.24
N PRO D 232 10.42 -11.20 10.68
CA PRO D 232 11.15 -12.38 11.17
C PRO D 232 11.33 -12.47 12.69
N GLU D 233 11.59 -11.34 13.33
CA GLU D 233 11.80 -11.31 14.77
C GLU D 233 10.64 -11.85 15.58
N PHE D 234 9.43 -11.82 15.03
CA PHE D 234 8.27 -12.30 15.76
C PHE D 234 7.96 -13.76 15.52
N GLN D 235 8.82 -14.45 14.76
CA GLN D 235 8.53 -15.83 14.41
C GLN D 235 9.48 -16.90 14.85
N VAL D 236 9.01 -18.13 14.62
CA VAL D 236 9.80 -19.32 14.86
C VAL D 236 9.41 -20.18 13.67
N ARG D 237 10.40 -20.82 13.07
CA ARG D 237 10.16 -21.66 11.90
C ARG D 237 10.60 -23.06 12.21
N TRP D 238 9.71 -24.01 11.95
CA TRP D 238 10.01 -25.39 12.24
C TRP D 238 10.15 -26.27 11.01
N ARG D 239 11.25 -27.00 10.92
N ARG D 239 11.25 -26.99 10.91
CA ARG D 239 11.48 -27.92 9.82
CA ARG D 239 11.45 -27.90 9.78
C ARG D 239 11.10 -29.28 10.40
C ARG D 239 11.11 -29.27 10.38
N TRP D 240 10.04 -29.86 9.87
CA TRP D 240 9.55 -31.14 10.35
C TRP D 240 10.38 -32.38 10.11
N GLN D 241 10.24 -33.33 11.03
CA GLN D 241 10.87 -34.64 10.94
C GLN D 241 9.79 -35.57 11.43
N PRO D 242 9.72 -36.80 10.89
CA PRO D 242 8.70 -37.75 11.32
C PRO D 242 8.59 -37.86 12.84
N ASN D 243 7.34 -37.91 13.30
CA ASN D 243 7.02 -38.05 14.72
C ASN D 243 7.26 -36.81 15.55
N ASP D 244 7.32 -35.66 14.90
CA ASP D 244 7.48 -34.42 15.63
C ASP D 244 6.11 -34.15 16.23
N ILE D 245 6.10 -33.36 17.29
CA ILE D 245 4.87 -32.94 17.93
C ILE D 245 5.03 -31.44 18.13
N ALA D 246 4.02 -30.69 17.75
CA ALA D 246 4.02 -29.25 17.94
C ALA D 246 2.74 -28.95 18.71
N ILE D 247 2.86 -28.14 19.74
CA ILE D 247 1.72 -27.75 20.55
C ILE D 247 1.79 -26.25 20.60
N TRP D 248 0.71 -25.58 20.23
CA TRP D 248 0.73 -24.13 20.26
C TRP D 248 -0.52 -23.50 20.84
N ASP D 249 -0.36 -22.25 21.28
CA ASP D 249 -1.43 -21.47 21.87
C ASP D 249 -1.98 -20.66 20.71
N ASN D 250 -3.18 -21.03 20.25
CA ASN D 250 -3.85 -20.37 19.13
C ASN D 250 -4.52 -19.07 19.54
N ARG D 251 -4.36 -18.68 20.80
CA ARG D 251 -4.99 -17.46 21.29
C ARG D 251 -4.14 -16.22 21.04
N VAL D 252 -2.83 -16.41 20.90
CA VAL D 252 -1.91 -15.29 20.68
C VAL D 252 -0.89 -15.51 19.57
N THR D 253 -1.21 -16.39 18.63
CA THR D 253 -0.29 -16.63 17.52
C THR D 253 -1.05 -16.80 16.23
N GLN D 254 -0.30 -16.80 15.14
CA GLN D 254 -0.83 -17.08 13.82
C GLN D 254 0.21 -18.06 13.33
N HIS D 255 -0.14 -18.90 12.38
CA HIS D 255 0.85 -19.81 11.82
C HIS D 255 0.69 -19.87 10.31
N TYR D 256 1.71 -20.39 9.65
CA TYR D 256 1.79 -20.45 8.20
C TYR D 256 2.47 -21.76 7.86
N ALA D 257 1.83 -22.55 6.99
CA ALA D 257 2.38 -23.84 6.59
C ALA D 257 2.75 -23.77 5.12
N ASN D 258 4.04 -23.90 4.83
CA ASN D 258 4.52 -23.83 3.44
C ASN D 258 3.91 -24.89 2.54
N ALA D 259 3.46 -24.46 1.37
CA ALA D 259 2.87 -25.35 0.37
C ALA D 259 3.94 -25.43 -0.71
N ASP D 260 5.04 -26.11 -0.42
CA ASP D 260 6.16 -26.19 -1.35
C ASP D 260 6.70 -27.59 -1.56
N TYR D 261 5.86 -28.61 -1.34
CA TYR D 261 6.33 -29.98 -1.44
C TYR D 261 5.63 -30.89 -2.44
N LEU D 262 4.58 -30.41 -3.10
CA LEU D 262 3.93 -31.26 -4.09
C LEU D 262 4.98 -31.56 -5.15
N PRO D 263 4.88 -32.71 -5.83
CA PRO D 263 3.85 -33.76 -5.72
C PRO D 263 4.00 -34.71 -4.55
N GLN D 264 4.86 -34.39 -3.58
CA GLN D 264 5.02 -35.30 -2.46
C GLN D 264 3.80 -35.20 -1.55
N ARG D 265 3.63 -36.21 -0.71
CA ARG D 265 2.51 -36.29 0.21
C ARG D 265 2.92 -35.94 1.64
N ARG D 266 1.99 -35.35 2.38
CA ARG D 266 2.26 -34.96 3.77
C ARG D 266 1.10 -35.35 4.66
N ILE D 267 1.39 -36.09 5.73
CA ILE D 267 0.34 -36.51 6.64
C ILE D 267 0.58 -36.07 8.08
N MET D 268 -0.33 -35.23 8.58
CA MET D 268 -0.25 -34.74 9.95
C MET D 268 -1.50 -35.21 10.70
N HIS D 269 -1.38 -35.38 12.01
CA HIS D 269 -2.51 -35.75 12.86
C HIS D 269 -2.71 -34.57 13.80
N ARG D 270 -3.93 -34.07 13.89
CA ARG D 270 -4.19 -32.91 14.71
C ARG D 270 -5.30 -33.03 15.75
N ALA D 271 -5.04 -32.45 16.92
CA ALA D 271 -6.01 -32.40 18.01
C ALA D 271 -6.24 -30.90 18.20
N THR D 272 -7.49 -30.49 18.19
CA THR D 272 -7.81 -29.07 18.35
C THR D 272 -8.47 -28.84 19.70
N ILE D 273 -7.84 -28.01 20.53
CA ILE D 273 -8.35 -27.70 21.85
C ILE D 273 -9.30 -26.51 21.80
N LEU D 274 -10.54 -26.75 22.18
CA LEU D 274 -11.57 -25.71 22.16
C LEU D 274 -11.19 -24.53 23.05
N GLY D 275 -11.52 -23.33 22.58
CA GLY D 275 -11.20 -22.14 23.34
C GLY D 275 -12.43 -21.44 23.89
N ASP D 276 -12.19 -20.30 24.52
CA ASP D 276 -13.25 -19.49 25.10
C ASP D 276 -13.39 -18.20 24.29
N LYS D 277 -14.24 -17.29 24.75
CA LYS D 277 -14.48 -16.05 24.02
C LYS D 277 -13.30 -15.09 24.16
N PRO D 278 -12.73 -14.65 23.02
CA PRO D 278 -11.59 -13.72 23.11
C PRO D 278 -12.11 -12.38 23.64
N PHE D 279 -11.36 -11.75 24.52
CA PHE D 279 -11.76 -10.47 25.08
C PHE D 279 -10.54 -9.60 25.29
N TYR D 280 -10.78 -8.32 25.52
CA TYR D 280 -9.69 -7.38 25.79
C TYR D 280 -9.98 -6.75 27.14
N ARG D 281 -8.96 -6.65 27.97
CA ARG D 281 -9.09 -6.03 29.27
C ARG D 281 -7.80 -5.25 29.52
N ALA D 282 -7.93 -3.94 29.63
CA ALA D 282 -6.77 -3.08 29.87
C ALA D 282 -6.13 -3.40 31.22
CL CL E . -0.60 27.59 -9.30
C1 TAU F . 6.72 23.81 -3.16
C2 TAU F . 6.15 25.17 -3.35
N1 TAU F . 6.30 23.02 -4.17
S TAU F . 6.55 26.36 -2.06
O1 TAU F . 6.27 27.79 -2.49
O2 TAU F . 5.68 26.02 -0.90
O3 TAU F . 7.98 26.24 -1.63
CL CL G . -24.53 12.43 -10.19
C1 TAU H . -24.13 2.68 -9.53
C2 TAU H . -23.96 3.13 -10.96
N1 TAU H . -23.08 3.10 -8.79
S TAU H . -24.77 2.06 -12.18
O1 TAU H . -25.98 2.75 -12.78
O2 TAU H . -23.80 1.77 -13.27
O3 TAU H . -25.17 0.77 -11.54
C1 TAU I . 23.90 -3.79 3.80
C2 TAU I . 25.11 -4.63 4.21
N1 TAU I . 23.23 -3.40 4.90
S TAU I . 26.48 -4.56 3.02
O1 TAU I . 27.74 -5.11 3.63
O2 TAU I . 26.13 -5.41 1.83
O3 TAU I . 26.71 -3.14 2.57
CL CL J . 1.17 -27.92 9.27
#